data_5DYT
#
_entry.id   5DYT
#
_cell.length_a   76.470
_cell.length_b   80.230
_cell.length_c   231.280
_cell.angle_alpha   90.00
_cell.angle_beta   90.00
_cell.angle_gamma   90.00
#
_symmetry.space_group_name_H-M   'P 21 21 21'
#
loop_
_entity.id
_entity.type
_entity.pdbx_description
1 polymer Cholinesterase
2 branched 2-acetamido-2-deoxy-beta-D-glucopyranose-(1-4)-[alpha-L-fucopyranose-(1-6)]2-acetamido-2-deoxy-beta-D-glucopyranose
3 branched 2-acetamido-2-deoxy-beta-D-glucopyranose-(1-4)-2-acetamido-2-deoxy-beta-D-glucopyranose
4 branched alpha-L-fucopyranose-(1-6)-2-acetamido-2-deoxy-beta-D-glucopyranose
5 non-polymer 2-acetamido-2-deoxy-beta-D-glucopyranose
6 non-polymer N-{[(3R)-1-benzylpiperidin-3-yl]methyl}-N-methylnaphthalene-2-sulfonamide
7 non-polymer GLYCEROL
8 non-polymer 1,2-ETHANEDIOL
9 non-polymer 'UNKNOWN LIGAND'
10 non-polymer beta-L-fucopyranose
11 non-polymer DI(HYDROXYETHYL)ETHER
12 water water
#
_entity_poly.entity_id   1
_entity_poly.type   'polypeptide(L)'
_entity_poly.pdbx_seq_one_letter_code
;TEDDIIIATKNGKVRGMNLTVFGGTVTAFLGIPYAQPPLGRLRFKKPQSLTKWSDIWNATKYANSC(CSO)QNIDQSFPG
FHGSEMWNPNTDLSEDCLYLNVWIPAPKPKNATVLIWIYGGGFQTGTSSLHVYDGKFLARVERVIVVSMNYRVGALGFLA
LPGNPEAPGNMGLFDQQLALQWVQKNIAAFGGNPKSVTLFGESAGAASVSLHLLSPGSHSLFTRAILQSGSFNAPWAVTS
LYEARNRTLNLAKLTGCSRENETEIIKCLRNKDPQEILLNEAFVVPYGTPLSVNFGPTVDGDFLTDMPDILLELGQFKKT
QILVGVNKDEGTAFLVYGAPGFSKDNNSIITRKEFQEGLKIFFPGVSEFGKESILFHYTDWVDDQRPENYREALGDVVGD
YNFICPALEFTKKFSEWGNNAFFYYFEHRSSKLPWPEWMGVMHGYEIEFVFGLPLERRDNYTKAEEILSRSIVKRWANFA
KYGNPNETQNNSTSWPVFKSTEQKYLTLNTESTRIMTKLRAQQCRFWTSFFPKV
;
_entity_poly.pdbx_strand_id   A,B
#
loop_
_chem_comp.id
_chem_comp.type
_chem_comp.name
_chem_comp.formula
5HB non-polymer N-{[(3R)-1-benzylpiperidin-3-yl]methyl}-N-methylnaphthalene-2-sulfonamide 'C24 H28 N2 O2 S'
EDO non-polymer 1,2-ETHANEDIOL 'C2 H6 O2'
FUC L-saccharide, alpha linking alpha-L-fucopyranose 'C6 H12 O5'
FUL L-saccharide, beta linking beta-L-fucopyranose 'C6 H12 O5'
GOL non-polymer GLYCEROL 'C3 H8 O3'
NAG D-saccharide, beta linking 2-acetamido-2-deoxy-beta-D-glucopyranose 'C8 H15 N O6'
PEG non-polymer DI(HYDROXYETHYL)ETHER 'C4 H10 O3'
UNX non-polymer 'UNKNOWN ATOM OR ION' ?
#
# COMPACT_ATOMS: atom_id res chain seq x y z
N ASP A 4 15.10 24.50 -30.73
CA ASP A 4 13.88 23.93 -31.30
C ASP A 4 13.49 22.63 -30.59
N ILE A 5 12.19 22.36 -30.57
CA ILE A 5 11.58 21.27 -29.81
C ILE A 5 11.15 20.15 -30.75
N ILE A 6 12.02 19.15 -30.96
CA ILE A 6 11.79 18.17 -32.01
C ILE A 6 12.11 16.77 -31.50
N ILE A 7 11.16 15.85 -31.65
CA ILE A 7 11.33 14.44 -31.34
C ILE A 7 11.12 13.65 -32.63
N ALA A 8 11.92 12.60 -32.81
CA ALA A 8 11.84 11.75 -33.98
C ALA A 8 11.00 10.52 -33.63
N THR A 9 9.79 10.45 -34.16
CA THR A 9 8.92 9.30 -33.96
C THR A 9 9.03 8.34 -35.13
N LYS A 10 8.57 7.11 -34.91
CA LYS A 10 8.70 6.08 -35.93
C LYS A 10 7.96 6.42 -37.23
N ASN A 11 7.03 7.38 -37.22
CA ASN A 11 6.34 7.79 -38.44
C ASN A 11 6.86 9.12 -38.98
N GLY A 12 7.89 9.69 -38.38
CA GLY A 12 8.32 11.01 -38.75
C GLY A 12 8.61 11.87 -37.55
N LYS A 13 9.16 13.05 -37.80
CA LYS A 13 9.53 13.99 -36.75
C LYS A 13 8.34 14.88 -36.41
N VAL A 14 8.26 15.25 -35.11
CA VAL A 14 7.22 16.12 -34.57
C VAL A 14 7.88 17.30 -33.87
N ARG A 15 7.25 18.47 -33.99
CA ARG A 15 7.68 19.68 -33.30
C ARG A 15 6.64 20.08 -32.28
N GLY A 16 7.10 20.48 -31.08
CA GLY A 16 6.22 20.83 -29.98
C GLY A 16 6.22 22.27 -29.53
N MET A 17 5.88 22.54 -28.27
CA MET A 17 5.87 23.88 -27.72
C MET A 17 6.25 23.84 -26.25
N ASN A 18 6.84 24.92 -25.77
CA ASN A 18 7.18 25.06 -24.36
C ASN A 18 6.04 25.75 -23.63
N LEU A 19 5.72 25.23 -22.45
CA LEU A 19 4.72 25.80 -21.57
C LEU A 19 5.40 26.19 -20.27
N THR A 20 4.98 27.30 -19.67
CA THR A 20 5.46 27.70 -18.35
C THR A 20 4.39 27.36 -17.32
N VAL A 21 4.75 26.48 -16.39
CA VAL A 21 3.86 26.01 -15.34
C VAL A 21 4.63 26.12 -14.05
N PHE A 22 4.11 26.91 -13.11
CA PHE A 22 4.66 27.00 -11.74
C PHE A 22 6.17 27.23 -11.75
N GLY A 23 6.60 28.25 -12.51
CA GLY A 23 8.02 28.57 -12.56
C GLY A 23 8.92 27.51 -13.14
N GLY A 24 8.37 26.57 -13.91
CA GLY A 24 9.16 25.54 -14.56
C GLY A 24 8.71 25.41 -16.01
N THR A 25 9.11 24.34 -16.70
CA THR A 25 8.68 24.19 -18.08
C THR A 25 8.06 22.81 -18.32
N VAL A 26 7.03 22.80 -19.16
CA VAL A 26 6.43 21.56 -19.65
C VAL A 26 6.45 21.61 -21.17
N THR A 27 7.10 20.63 -21.78
CA THR A 27 7.06 20.45 -23.24
C THR A 27 5.76 19.74 -23.64
N ALA A 28 4.98 20.39 -24.52
CA ALA A 28 3.69 19.85 -24.96
C ALA A 28 3.70 19.59 -26.47
N PHE A 29 3.34 18.37 -26.86
CA PHE A 29 3.06 18.05 -28.26
C PHE A 29 1.56 17.77 -28.37
N LEU A 30 0.83 18.69 -28.97
CA LEU A 30 -0.62 18.59 -29.10
C LEU A 30 -0.99 18.23 -30.52
N GLY A 31 -1.81 17.18 -30.68
CA GLY A 31 -2.37 16.84 -31.98
C GLY A 31 -1.54 15.91 -32.84
N ILE A 32 -0.73 15.04 -32.24
CA ILE A 32 0.05 14.05 -32.99
C ILE A 32 -0.90 13.02 -33.60
N PRO A 33 -0.83 12.78 -34.91
CA PRO A 33 -1.69 11.73 -35.49
C PRO A 33 -1.18 10.35 -35.11
N TYR A 34 -2.11 9.43 -34.91
CA TYR A 34 -1.76 8.08 -34.53
C TYR A 34 -2.40 7.04 -35.45
N ALA A 35 -3.16 7.48 -36.46
CA ALA A 35 -3.86 6.57 -37.34
C ALA A 35 -4.21 7.32 -38.63
N GLN A 36 -4.42 6.56 -39.69
CA GLN A 36 -4.95 7.13 -40.92
C GLN A 36 -6.33 7.71 -40.66
N PRO A 37 -6.65 8.90 -41.19
CA PRO A 37 -7.97 9.49 -40.93
C PRO A 37 -9.08 8.58 -41.41
N PRO A 38 -10.07 8.22 -40.51
CA PRO A 38 -11.09 7.21 -40.87
C PRO A 38 -12.17 7.77 -41.78
N LEU A 39 -11.74 8.28 -42.94
CA LEU A 39 -12.55 8.92 -43.96
C LEU A 39 -12.98 7.93 -45.05
N GLY A 40 -14.12 8.26 -45.69
CA GLY A 40 -14.54 7.58 -46.89
C GLY A 40 -14.79 6.11 -46.75
N ARG A 41 -13.94 5.28 -47.36
CA ARG A 41 -14.08 3.83 -47.28
C ARG A 41 -13.60 3.28 -45.94
N LEU A 42 -12.85 4.07 -45.18
CA LEU A 42 -12.46 3.71 -43.82
C LEU A 42 -13.50 4.08 -42.77
N ARG A 43 -14.61 4.70 -43.16
CA ARG A 43 -15.68 4.93 -42.20
C ARG A 43 -16.18 3.59 -41.68
N PHE A 44 -16.33 3.50 -40.36
CA PHE A 44 -16.84 2.34 -39.61
C PHE A 44 -15.86 1.16 -39.52
N LYS A 45 -14.64 1.29 -40.02
CA LYS A 45 -13.63 0.24 -39.90
C LYS A 45 -12.69 0.53 -38.73
N LYS A 46 -12.02 -0.51 -38.28
CA LYS A 46 -10.96 -0.35 -37.29
C LYS A 46 -9.92 0.65 -37.79
N PRO A 47 -9.17 1.29 -36.88
CA PRO A 47 -8.23 2.33 -37.33
C PRO A 47 -7.08 1.70 -38.09
N GLN A 48 -6.69 2.37 -39.17
CA GLN A 48 -5.61 1.89 -40.02
C GLN A 48 -4.30 2.53 -39.57
N SER A 49 -3.26 1.71 -39.48
CA SER A 49 -2.02 2.19 -38.92
C SER A 49 -1.41 3.25 -39.82
N LEU A 50 -0.67 4.17 -39.21
CA LEU A 50 -0.16 5.32 -39.91
C LEU A 50 1.04 4.94 -40.76
N THR A 51 1.29 5.70 -41.81
CA THR A 51 2.42 5.39 -42.66
C THR A 51 3.70 6.10 -42.20
N LYS A 52 4.18 7.07 -42.98
CA LYS A 52 5.28 7.92 -42.55
C LYS A 52 5.23 9.21 -43.36
N TRP A 53 5.44 10.33 -42.69
CA TRP A 53 5.53 11.62 -43.35
C TRP A 53 6.98 12.10 -43.37
N SER A 54 7.31 12.94 -44.34
CA SER A 54 8.67 13.43 -44.44
C SER A 54 8.86 14.81 -43.83
N ASP A 55 7.81 15.61 -43.74
CA ASP A 55 7.90 16.94 -43.18
C ASP A 55 8.27 16.84 -41.69
N ILE A 56 8.21 17.97 -41.01
CA ILE A 56 8.04 17.99 -39.57
C ILE A 56 6.58 18.30 -39.30
N TRP A 57 5.89 17.38 -38.62
CA TRP A 57 4.53 17.66 -38.20
C TRP A 57 4.59 18.63 -37.04
N ASN A 58 3.76 19.69 -37.11
CA ASN A 58 3.71 20.71 -36.06
C ASN A 58 2.63 20.34 -35.04
N ALA A 59 3.08 19.82 -33.90
CA ALA A 59 2.16 19.39 -32.84
C ALA A 59 2.05 20.51 -31.82
N THR A 60 1.37 21.58 -32.25
CA THR A 60 1.36 22.85 -31.53
C THR A 60 -0.05 23.38 -31.27
N LYS A 61 -1.08 22.71 -31.78
CA LYS A 61 -2.43 23.01 -31.34
C LYS A 61 -3.18 21.69 -31.13
N TYR A 62 -4.29 21.77 -30.40
CA TYR A 62 -5.19 20.63 -30.32
C TYR A 62 -5.81 20.37 -31.69
N ALA A 63 -6.11 19.10 -31.97
CA ALA A 63 -6.65 18.71 -33.26
C ALA A 63 -8.18 18.73 -33.25
N ASN A 64 -8.77 18.32 -34.37
CA ASN A 64 -10.22 18.21 -34.45
C ASN A 64 -10.75 17.22 -33.42
N SER A 65 -11.92 17.52 -32.89
CA SER A 65 -12.69 16.56 -32.11
C SER A 65 -13.49 15.69 -33.05
N CYS A 66 -13.78 14.48 -32.61
CA CYS A 66 -14.53 13.56 -33.45
C CYS A 66 -15.96 14.05 -33.53
N CSO A 67 -16.67 13.65 -34.58
CA CSO A 67 -18.08 14.03 -34.73
CB CSO A 67 -18.69 13.56 -36.07
SG CSO A 67 -17.70 14.10 -37.47
C CSO A 67 -18.95 13.53 -33.59
O CSO A 67 -18.81 12.42 -33.12
OD CSO A 67 -18.04 15.81 -37.85
N GLN A 68 -19.87 14.39 -33.19
CA GLN A 68 -20.72 14.17 -32.03
C GLN A 68 -21.79 15.25 -31.98
N ASN A 69 -23.00 14.89 -31.57
CA ASN A 69 -23.97 15.87 -31.15
C ASN A 69 -23.47 16.64 -29.92
N ILE A 70 -23.87 17.91 -29.85
CA ILE A 70 -23.52 18.83 -28.77
C ILE A 70 -24.68 18.89 -27.80
N ASP A 71 -24.39 19.26 -26.57
CA ASP A 71 -25.38 19.44 -25.52
C ASP A 71 -25.71 20.92 -25.44
N GLN A 72 -26.89 21.30 -25.91
CA GLN A 72 -27.32 22.69 -25.94
C GLN A 72 -28.54 22.92 -25.04
N SER A 73 -28.60 22.20 -23.93
CA SER A 73 -29.73 22.31 -23.01
C SER A 73 -29.70 23.62 -22.24
N PHE A 74 -28.54 24.24 -22.09
CA PHE A 74 -28.40 25.44 -21.29
C PHE A 74 -27.41 26.37 -21.98
N PRO A 75 -27.81 27.02 -23.06
CA PRO A 75 -26.91 27.97 -23.75
C PRO A 75 -26.28 28.95 -22.78
N GLY A 76 -24.99 29.17 -22.97
CA GLY A 76 -24.21 30.05 -22.12
C GLY A 76 -23.89 29.50 -20.76
N PHE A 77 -24.47 28.36 -20.37
CA PHE A 77 -24.20 27.79 -19.06
C PHE A 77 -22.84 27.09 -19.08
N HIS A 78 -21.91 27.61 -18.31
CA HIS A 78 -20.62 26.95 -18.16
C HIS A 78 -20.77 25.49 -17.73
N GLY A 79 -21.78 25.19 -16.91
CA GLY A 79 -21.87 23.85 -16.33
C GLY A 79 -22.01 22.76 -17.37
N SER A 80 -22.86 22.98 -18.37
CA SER A 80 -23.06 22.04 -19.47
C SER A 80 -22.09 22.25 -20.62
N GLU A 81 -21.62 23.49 -20.83
CA GLU A 81 -20.84 23.81 -22.01
C GLU A 81 -19.35 23.54 -21.84
N MET A 82 -18.88 23.39 -20.61
CA MET A 82 -17.50 22.98 -20.41
C MET A 82 -17.24 21.56 -20.90
N TRP A 83 -18.29 20.79 -21.19
CA TRP A 83 -18.13 19.45 -21.69
C TRP A 83 -18.19 19.39 -23.21
N ASN A 84 -18.64 20.48 -23.84
CA ASN A 84 -18.79 20.52 -25.28
C ASN A 84 -17.43 20.65 -25.95
N PRO A 85 -17.28 20.15 -27.17
CA PRO A 85 -15.97 20.19 -27.82
C PRO A 85 -15.51 21.62 -28.04
N ASN A 86 -14.23 21.86 -27.73
CA ASN A 86 -13.59 23.16 -27.82
C ASN A 86 -12.66 23.26 -29.03
N THR A 87 -12.72 22.32 -29.96
CA THR A 87 -12.07 22.43 -31.26
C THR A 87 -13.09 22.03 -32.31
N ASP A 88 -12.74 22.25 -33.58
CA ASP A 88 -13.66 21.93 -34.68
C ASP A 88 -13.97 20.44 -34.74
N LEU A 89 -15.15 20.10 -35.23
CA LEU A 89 -15.54 18.71 -35.42
C LEU A 89 -15.20 18.22 -36.83
N SER A 90 -14.78 16.96 -36.92
CA SER A 90 -14.39 16.34 -38.18
C SER A 90 -14.24 14.84 -38.00
N GLU A 91 -14.56 14.07 -39.04
CA GLU A 91 -14.28 12.65 -39.06
C GLU A 91 -12.77 12.37 -38.93
N ASP A 92 -11.95 13.33 -39.34
CA ASP A 92 -10.49 13.24 -39.23
C ASP A 92 -10.12 13.77 -37.86
N CYS A 93 -9.99 12.84 -36.90
CA CYS A 93 -9.89 13.23 -35.51
C CYS A 93 -9.00 12.31 -34.69
N LEU A 94 -8.27 11.38 -35.32
CA LEU A 94 -7.49 10.40 -34.56
C LEU A 94 -6.11 10.98 -34.25
N TYR A 95 -6.08 11.83 -33.23
CA TYR A 95 -4.87 12.51 -32.78
C TYR A 95 -4.68 12.35 -31.28
N LEU A 96 -3.42 12.42 -30.83
CA LEU A 96 -3.09 12.31 -29.42
C LEU A 96 -2.20 13.47 -28.98
N ASN A 97 -2.20 13.72 -27.67
CA ASN A 97 -1.41 14.77 -27.04
C ASN A 97 -0.43 14.14 -26.07
N VAL A 98 0.73 14.80 -25.89
CA VAL A 98 1.80 14.31 -25.00
C VAL A 98 2.36 15.50 -24.24
N TRP A 99 2.38 15.41 -22.90
CA TRP A 99 2.98 16.41 -22.02
C TRP A 99 4.17 15.80 -21.31
N ILE A 100 5.32 16.45 -21.40
CA ILE A 100 6.55 15.90 -20.85
C ILE A 100 7.10 16.91 -19.84
N PRO A 101 7.63 16.47 -18.72
CA PRO A 101 8.27 17.43 -17.79
C PRO A 101 9.61 17.90 -18.32
N ALA A 102 9.93 19.16 -18.01
CA ALA A 102 11.26 19.71 -18.33
C ALA A 102 12.06 19.86 -17.03
N PRO A 103 13.33 19.42 -17.04
CA PRO A 103 14.10 18.86 -18.15
C PRO A 103 13.63 17.47 -18.56
N LYS A 104 13.95 17.04 -19.79
CA LYS A 104 13.51 15.76 -20.31
C LYS A 104 13.77 14.65 -19.29
N PRO A 105 12.82 13.77 -19.06
CA PRO A 105 13.04 12.63 -18.16
C PRO A 105 13.76 11.53 -18.91
N LYS A 106 14.20 10.52 -18.17
CA LYS A 106 14.94 9.45 -18.80
C LYS A 106 14.19 8.13 -18.84
N ASN A 107 13.19 7.95 -17.97
CA ASN A 107 12.40 6.73 -17.96
C ASN A 107 11.08 6.97 -17.22
N ALA A 108 10.41 8.07 -17.56
CA ALA A 108 9.24 8.48 -16.79
C ALA A 108 8.07 7.49 -16.93
N THR A 109 7.32 7.36 -15.84
CA THR A 109 6.01 6.71 -15.83
C THR A 109 5.01 7.54 -16.64
N VAL A 110 4.15 6.85 -17.39
CA VAL A 110 3.22 7.48 -18.33
C VAL A 110 1.78 7.24 -17.85
N LEU A 111 1.02 8.33 -17.71
CA LEU A 111 -0.43 8.23 -17.50
C LEU A 111 -1.19 8.56 -18.77
N ILE A 112 -2.07 7.66 -19.20
CA ILE A 112 -2.86 7.81 -20.43
C ILE A 112 -4.33 8.03 -20.07
N TRP A 113 -4.86 9.17 -20.46
CA TRP A 113 -6.22 9.56 -20.13
C TRP A 113 -7.18 9.17 -21.24
N ILE A 114 -8.29 8.53 -20.86
CA ILE A 114 -9.39 8.21 -21.77
C ILE A 114 -10.62 8.94 -21.24
N TYR A 115 -11.06 9.97 -21.96
CA TYR A 115 -12.22 10.75 -21.55
C TYR A 115 -13.51 9.93 -21.61
N GLY A 116 -14.54 10.41 -20.92
CA GLY A 116 -15.88 9.88 -21.04
C GLY A 116 -16.81 10.78 -21.84
N GLY A 117 -18.08 10.44 -21.80
CA GLY A 117 -19.10 11.18 -22.51
C GLY A 117 -20.12 10.26 -23.16
N GLY A 118 -20.44 9.18 -22.47
CA GLY A 118 -21.48 8.27 -22.88
C GLY A 118 -21.19 7.47 -24.12
N PHE A 119 -19.91 7.37 -24.49
CA PHE A 119 -19.47 6.82 -25.78
C PHE A 119 -20.07 7.55 -26.98
N GLN A 120 -20.69 8.72 -26.77
CA GLN A 120 -21.30 9.54 -27.82
C GLN A 120 -20.73 10.95 -27.89
N THR A 121 -19.96 11.40 -26.90
CA THR A 121 -19.41 12.75 -26.86
C THR A 121 -18.03 12.68 -26.21
N GLY A 122 -17.36 13.81 -26.19
CA GLY A 122 -16.10 13.91 -25.48
C GLY A 122 -14.95 14.27 -26.40
N THR A 123 -13.87 14.79 -25.83
CA THR A 123 -12.67 15.13 -26.57
C THR A 123 -11.54 15.32 -25.56
N SER A 124 -10.32 15.03 -26.00
CA SER A 124 -9.16 15.08 -25.11
C SER A 124 -8.64 16.49 -24.85
N SER A 125 -9.14 17.48 -25.59
CA SER A 125 -8.65 18.86 -25.54
C SER A 125 -9.38 19.75 -24.54
N LEU A 126 -10.33 19.23 -23.77
CA LEU A 126 -11.03 20.04 -22.80
C LEU A 126 -10.07 20.57 -21.73
N HIS A 127 -10.40 21.74 -21.18
CA HIS A 127 -9.53 22.40 -20.20
C HIS A 127 -9.33 21.53 -18.96
N VAL A 128 -10.38 20.80 -18.52
CA VAL A 128 -10.27 19.97 -17.33
C VAL A 128 -9.38 18.74 -17.52
N TYR A 129 -8.96 18.41 -18.76
CA TYR A 129 -8.07 17.27 -19.00
C TYR A 129 -6.63 17.70 -19.30
N ASP A 130 -6.23 18.89 -18.86
CA ASP A 130 -4.92 19.43 -19.18
C ASP A 130 -3.84 18.74 -18.34
N GLY A 131 -2.95 18.00 -19.01
CA GLY A 131 -1.90 17.22 -18.40
C GLY A 131 -0.67 17.96 -17.93
N LYS A 132 -0.56 19.28 -18.18
CA LYS A 132 0.68 19.99 -17.87
C LYS A 132 0.94 20.05 -16.37
N PHE A 133 -0.11 20.23 -15.55
CA PHE A 133 0.10 20.28 -14.10
C PHE A 133 0.70 18.98 -13.59
N LEU A 134 0.14 17.84 -14.04
CA LEU A 134 0.64 16.54 -13.61
C LEU A 134 2.08 16.34 -14.06
N ALA A 135 2.37 16.62 -15.32
CA ALA A 135 3.75 16.56 -15.80
C ALA A 135 4.65 17.44 -14.94
N ARG A 136 4.26 18.71 -14.73
CA ARG A 136 5.06 19.65 -13.95
C ARG A 136 5.31 19.17 -12.53
N VAL A 137 4.27 18.69 -11.84
CA VAL A 137 4.32 18.54 -10.40
C VAL A 137 4.80 17.14 -9.97
N GLU A 138 4.47 16.10 -10.73
CA GLU A 138 4.84 14.74 -10.35
C GLU A 138 5.84 14.12 -11.32
N ARG A 139 6.21 14.86 -12.38
CA ARG A 139 7.23 14.42 -13.34
CA ARG A 139 7.21 14.45 -13.37
C ARG A 139 6.78 13.18 -14.11
N VAL A 140 5.50 13.10 -14.45
CA VAL A 140 5.02 12.00 -15.27
C VAL A 140 4.77 12.54 -16.67
N ILE A 141 4.88 11.64 -17.65
CA ILE A 141 4.36 11.90 -18.98
C ILE A 141 2.85 11.67 -18.98
N VAL A 142 2.12 12.59 -19.61
CA VAL A 142 0.67 12.49 -19.74
C VAL A 142 0.29 12.47 -21.22
N VAL A 143 -0.38 11.40 -21.65
CA VAL A 143 -0.87 11.21 -23.01
C VAL A 143 -2.39 11.14 -22.98
N SER A 144 -3.04 11.69 -24.00
CA SER A 144 -4.47 11.51 -24.19
C SER A 144 -4.79 11.43 -25.67
N MET A 145 -5.86 10.72 -26.01
CA MET A 145 -6.18 10.53 -27.43
C MET A 145 -7.64 10.84 -27.68
N ASN A 146 -7.92 11.23 -28.93
CA ASN A 146 -9.29 11.33 -29.43
C ASN A 146 -9.69 9.98 -30.03
N TYR A 147 -10.88 9.49 -29.68
CA TYR A 147 -11.39 8.25 -30.22
C TYR A 147 -12.81 8.47 -30.70
N ARG A 148 -13.20 7.74 -31.74
CA ARG A 148 -14.52 7.92 -32.36
C ARG A 148 -15.66 7.56 -31.41
N VAL A 149 -16.68 8.41 -31.39
CA VAL A 149 -17.85 8.24 -30.53
C VAL A 149 -19.12 8.10 -31.38
N GLY A 150 -20.23 7.75 -30.72
CA GLY A 150 -21.48 7.51 -31.41
C GLY A 150 -21.42 6.40 -32.46
N ALA A 151 -22.33 6.45 -33.44
CA ALA A 151 -22.39 5.41 -34.46
C ALA A 151 -21.10 5.33 -35.26
N LEU A 152 -20.42 6.45 -35.49
CA LEU A 152 -19.15 6.39 -36.20
C LEU A 152 -18.08 5.64 -35.40
N GLY A 153 -18.19 5.61 -34.06
CA GLY A 153 -17.28 4.83 -33.24
C GLY A 153 -17.73 3.42 -32.90
N PHE A 154 -19.05 3.16 -32.85
CA PHE A 154 -19.49 1.90 -32.27
C PHE A 154 -20.61 1.20 -33.04
N LEU A 155 -20.96 1.65 -34.24
CA LEU A 155 -21.88 0.91 -35.10
C LEU A 155 -21.38 -0.52 -35.28
N ALA A 156 -22.29 -1.49 -35.20
CA ALA A 156 -21.90 -2.90 -35.23
C ALA A 156 -22.83 -3.74 -36.13
N LEU A 157 -22.24 -4.39 -37.12
CA LEU A 157 -22.73 -5.66 -37.64
C LEU A 157 -21.67 -6.71 -37.32
N PRO A 158 -21.87 -7.51 -36.28
CA PRO A 158 -20.77 -8.34 -35.73
C PRO A 158 -20.25 -9.36 -36.72
N GLY A 159 -18.93 -9.43 -36.82
CA GLY A 159 -18.24 -10.33 -37.70
C GLY A 159 -17.99 -9.77 -39.08
N ASN A 160 -18.54 -8.59 -39.39
CA ASN A 160 -18.41 -7.93 -40.68
C ASN A 160 -17.31 -6.89 -40.61
N PRO A 161 -16.15 -7.09 -41.24
CA PRO A 161 -15.04 -6.13 -41.10
C PRO A 161 -15.37 -4.73 -41.58
N GLU A 162 -16.48 -4.54 -42.31
CA GLU A 162 -16.82 -3.21 -42.80
C GLU A 162 -17.43 -2.33 -41.72
N ALA A 163 -18.00 -2.94 -40.68
CA ALA A 163 -18.61 -2.27 -39.52
C ALA A 163 -18.65 -3.27 -38.37
N PRO A 164 -17.51 -3.60 -37.76
CA PRO A 164 -17.46 -4.75 -36.86
C PRO A 164 -17.89 -4.47 -35.43
N GLY A 165 -17.88 -3.22 -34.99
CA GLY A 165 -18.13 -2.85 -33.62
C GLY A 165 -16.86 -2.43 -32.92
N ASN A 166 -17.02 -1.64 -31.86
CA ASN A 166 -15.94 -1.33 -30.91
C ASN A 166 -14.78 -0.56 -31.54
N MET A 167 -15.03 0.16 -32.63
CA MET A 167 -13.94 0.84 -33.34
C MET A 167 -13.31 1.91 -32.45
N GLY A 168 -14.14 2.67 -31.72
CA GLY A 168 -13.62 3.62 -30.76
C GLY A 168 -12.67 3.00 -29.77
N LEU A 169 -12.98 1.78 -29.31
CA LEU A 169 -12.08 1.07 -28.41
C LEU A 169 -10.79 0.65 -29.11
N PHE A 170 -10.88 0.24 -30.39
CA PHE A 170 -9.64 -0.03 -31.12
C PHE A 170 -8.85 1.25 -31.36
N ASP A 171 -9.52 2.39 -31.55
CA ASP A 171 -8.83 3.68 -31.61
C ASP A 171 -7.96 3.88 -30.38
N GLN A 172 -8.59 3.89 -29.20
CA GLN A 172 -7.86 3.94 -27.93
C GLN A 172 -6.68 2.96 -27.94
N GLN A 173 -6.94 1.72 -28.38
CA GLN A 173 -5.90 0.71 -28.37
C GLN A 173 -4.74 1.08 -29.29
N LEU A 174 -5.07 1.59 -30.48
CA LEU A 174 -4.01 2.02 -31.39
C LEU A 174 -3.14 3.11 -30.78
N ALA A 175 -3.77 4.05 -30.05
CA ALA A 175 -3.01 5.06 -29.33
C ALA A 175 -2.10 4.42 -28.28
N LEU A 176 -2.59 3.40 -27.58
CA LEU A 176 -1.73 2.72 -26.62
C LEU A 176 -0.54 2.06 -27.32
N GLN A 177 -0.79 1.46 -28.49
CA GLN A 177 0.30 0.91 -29.31
C GLN A 177 1.30 1.98 -29.71
N TRP A 178 0.82 3.18 -30.03
CA TRP A 178 1.71 4.29 -30.31
C TRP A 178 2.62 4.60 -29.11
N VAL A 179 2.04 4.65 -27.89
CA VAL A 179 2.86 4.92 -26.71
C VAL A 179 3.93 3.85 -26.56
N GLN A 180 3.57 2.58 -26.79
CA GLN A 180 4.57 1.51 -26.72
C GLN A 180 5.71 1.73 -27.70
N LYS A 181 5.37 2.07 -28.95
CA LYS A 181 6.39 2.17 -29.99
C LYS A 181 7.22 3.44 -29.85
N ASN A 182 6.62 4.53 -29.36
CA ASN A 182 7.19 5.86 -29.52
C ASN A 182 7.55 6.58 -28.23
N ILE A 183 7.13 6.11 -27.06
CA ILE A 183 7.18 7.03 -25.93
C ILE A 183 8.59 7.10 -25.33
N ALA A 184 9.42 6.08 -25.52
CA ALA A 184 10.80 6.16 -25.06
C ALA A 184 11.52 7.37 -25.67
N ALA A 185 11.26 7.64 -26.95
CA ALA A 185 11.85 8.81 -27.62
C ALA A 185 11.56 10.10 -26.87
N PHE A 186 10.45 10.17 -26.14
CA PHE A 186 10.10 11.37 -25.38
C PHE A 186 10.64 11.34 -23.95
N GLY A 187 11.23 10.23 -23.53
CA GLY A 187 11.71 10.08 -22.18
C GLY A 187 10.83 9.25 -21.26
N GLY A 188 9.84 8.52 -21.81
CA GLY A 188 8.91 7.74 -21.03
C GLY A 188 9.24 6.27 -21.00
N ASN A 189 8.86 5.61 -19.91
CA ASN A 189 9.07 4.17 -19.78
C ASN A 189 7.86 3.42 -20.30
N PRO A 190 7.95 2.78 -21.49
CA PRO A 190 6.80 1.99 -21.96
C PRO A 190 6.41 0.86 -21.03
N LYS A 191 7.28 0.49 -20.08
CA LYS A 191 6.98 -0.55 -19.11
C LYS A 191 6.34 -0.01 -17.83
N SER A 192 6.08 1.30 -17.77
CA SER A 192 5.38 1.92 -16.64
C SER A 192 4.30 2.84 -17.21
N VAL A 193 3.19 2.22 -17.62
CA VAL A 193 2.07 2.91 -18.27
C VAL A 193 0.81 2.61 -17.46
N THR A 194 0.16 3.67 -16.94
CA THR A 194 -1.13 3.57 -16.24
C THR A 194 -2.22 4.24 -17.07
N LEU A 195 -3.29 3.49 -17.33
CA LEU A 195 -4.48 4.06 -17.92
C LEU A 195 -5.37 4.65 -16.83
N PHE A 196 -5.92 5.82 -17.10
CA PHE A 196 -6.98 6.34 -16.24
C PHE A 196 -8.01 7.06 -17.10
N GLY A 197 -9.23 7.08 -16.62
CA GLY A 197 -10.34 7.64 -17.37
C GLY A 197 -11.53 7.77 -16.46
N GLU A 198 -12.53 8.50 -16.93
CA GLU A 198 -13.71 8.75 -16.11
C GLU A 198 -14.98 8.44 -16.89
N SER A 199 -15.95 7.83 -16.19
CA SER A 199 -17.26 7.49 -16.74
C SER A 199 -17.09 6.47 -17.87
N ALA A 200 -17.59 6.74 -19.08
CA ALA A 200 -17.34 5.82 -20.20
C ALA A 200 -15.86 5.67 -20.49
N GLY A 201 -15.03 6.63 -20.08
CA GLY A 201 -13.58 6.43 -20.09
C GLY A 201 -13.11 5.39 -19.10
N ALA A 202 -13.76 5.33 -17.93
CA ALA A 202 -13.45 4.30 -16.94
C ALA A 202 -14.01 2.94 -17.35
N ALA A 203 -15.23 2.89 -17.90
CA ALA A 203 -15.70 1.64 -18.48
C ALA A 203 -14.75 1.18 -19.59
N SER A 204 -14.23 2.10 -20.39
CA SER A 204 -13.26 1.73 -21.41
C SER A 204 -12.01 1.12 -20.77
N VAL A 205 -11.47 1.77 -19.73
CA VAL A 205 -10.27 1.25 -19.07
C VAL A 205 -10.51 -0.17 -18.56
N SER A 206 -11.65 -0.43 -17.92
CA SER A 206 -11.90 -1.78 -17.43
C SER A 206 -12.01 -2.80 -18.57
N LEU A 207 -12.53 -2.38 -19.74
CA LEU A 207 -12.55 -3.28 -20.89
C LEU A 207 -11.16 -3.57 -21.43
N HIS A 208 -10.23 -2.61 -21.34
CA HIS A 208 -8.84 -2.92 -21.71
C HIS A 208 -8.23 -3.98 -20.79
N LEU A 209 -8.69 -4.08 -19.53
CA LEU A 209 -8.26 -5.17 -18.67
C LEU A 209 -8.80 -6.52 -19.16
N LEU A 210 -9.96 -6.52 -19.82
CA LEU A 210 -10.51 -7.77 -20.30
C LEU A 210 -9.98 -8.17 -21.65
N SER A 211 -9.52 -7.21 -22.45
CA SER A 211 -9.22 -7.48 -23.85
C SER A 211 -7.77 -7.93 -24.02
N PRO A 212 -7.52 -9.17 -24.44
CA PRO A 212 -6.13 -9.65 -24.53
C PRO A 212 -5.22 -8.78 -25.38
N GLY A 213 -5.72 -8.23 -26.50
CA GLY A 213 -4.88 -7.37 -27.31
C GLY A 213 -4.39 -6.12 -26.61
N SER A 214 -5.00 -5.75 -25.49
CA SER A 214 -4.55 -4.61 -24.73
C SER A 214 -3.54 -4.97 -23.65
N HIS A 215 -3.46 -6.26 -23.30
CA HIS A 215 -2.78 -6.61 -22.06
CA HIS A 215 -2.73 -6.75 -22.12
C HIS A 215 -1.31 -6.18 -22.05
N SER A 216 -0.61 -6.18 -23.17
CA SER A 216 0.79 -5.80 -23.21
C SER A 216 1.00 -4.32 -23.41
N LEU A 217 -0.07 -3.53 -23.48
CA LEU A 217 0.06 -2.12 -23.83
C LEU A 217 -0.05 -1.19 -22.62
N PHE A 218 -0.14 -1.73 -21.40
CA PHE A 218 -0.23 -0.89 -20.21
C PHE A 218 0.06 -1.73 -18.98
N THR A 219 0.30 -1.04 -17.86
CA THR A 219 0.71 -1.69 -16.62
C THR A 219 -0.41 -1.73 -15.58
N ARG A 220 -1.07 -0.59 -15.37
CA ARG A 220 -1.99 -0.44 -14.25
C ARG A 220 -3.20 0.37 -14.70
N ALA A 221 -4.28 0.34 -13.91
CA ALA A 221 -5.53 0.97 -14.32
C ALA A 221 -6.16 1.78 -13.19
N ILE A 222 -6.77 2.91 -13.54
CA ILE A 222 -7.50 3.79 -12.63
C ILE A 222 -8.88 4.09 -13.22
N LEU A 223 -9.93 3.82 -12.44
CA LEU A 223 -11.31 3.87 -12.91
C LEU A 223 -12.08 4.85 -12.04
N GLN A 224 -12.43 6.00 -12.59
CA GLN A 224 -13.19 7.04 -11.92
C GLN A 224 -14.62 6.99 -12.45
N SER A 225 -15.58 6.74 -11.55
CA SER A 225 -17.01 6.84 -11.86
C SER A 225 -17.42 6.01 -13.07
N GLY A 226 -16.90 4.79 -13.14
CA GLY A 226 -17.35 3.88 -14.17
C GLY A 226 -16.62 2.56 -14.26
N SER A 227 -17.28 1.60 -14.88
CA SER A 227 -16.78 0.25 -15.12
C SER A 227 -17.76 -0.46 -16.03
N PHE A 228 -17.32 -1.59 -16.61
CA PHE A 228 -18.07 -2.22 -17.70
C PHE A 228 -19.34 -2.88 -17.20
N ASN A 229 -19.42 -3.22 -15.93
CA ASN A 229 -20.61 -3.88 -15.40
C ASN A 229 -21.69 -2.90 -15.04
N ALA A 230 -21.49 -1.59 -15.26
CA ALA A 230 -22.55 -0.62 -15.09
C ALA A 230 -23.67 -0.89 -16.11
N PRO A 231 -24.92 -0.64 -15.76
CA PRO A 231 -26.02 -1.02 -16.66
C PRO A 231 -25.96 -0.37 -18.04
N TRP A 232 -25.30 0.78 -18.17
CA TRP A 232 -25.25 1.51 -19.44
C TRP A 232 -24.09 1.14 -20.34
N ALA A 233 -23.16 0.28 -19.89
CA ALA A 233 -21.85 0.27 -20.51
C ALA A 233 -21.72 -0.69 -21.69
N VAL A 234 -22.39 -1.84 -21.68
CA VAL A 234 -22.22 -2.80 -22.77
C VAL A 234 -23.57 -3.23 -23.32
N THR A 235 -23.70 -3.19 -24.65
CA THR A 235 -24.88 -3.68 -25.34
C THR A 235 -24.69 -5.14 -25.73
N SER A 236 -25.75 -5.93 -25.58
CA SER A 236 -25.71 -7.28 -26.13
C SER A 236 -25.51 -7.24 -27.65
N LEU A 237 -24.86 -8.26 -28.17
CA LEU A 237 -24.47 -8.33 -29.58
C LEU A 237 -25.64 -8.11 -30.55
N TYR A 238 -26.80 -8.66 -30.23
CA TYR A 238 -27.94 -8.52 -31.14
C TYR A 238 -28.79 -7.30 -30.88
N GLU A 239 -28.65 -6.67 -29.71
CA GLU A 239 -29.25 -5.36 -29.52
C GLU A 239 -28.49 -4.29 -30.30
N ALA A 240 -27.18 -4.47 -30.45
CA ALA A 240 -26.38 -3.56 -31.26
C ALA A 240 -26.71 -3.71 -32.74
N ARG A 241 -26.81 -4.97 -33.20
CA ARG A 241 -27.12 -5.23 -34.60
C ARG A 241 -28.50 -4.72 -34.98
N ASN A 242 -29.44 -4.80 -34.04
CA ASN A 242 -30.77 -4.26 -34.30
C ASN A 242 -30.74 -2.73 -34.42
N ARG A 243 -29.95 -2.06 -33.59
CA ARG A 243 -29.90 -0.59 -33.66
C ARG A 243 -29.25 -0.13 -34.96
N THR A 244 -28.25 -0.88 -35.44
CA THR A 244 -27.66 -0.57 -36.74
C THR A 244 -28.69 -0.57 -37.85
N LEU A 245 -29.56 -1.58 -37.85
CA LEU A 245 -30.59 -1.64 -38.90
C LEU A 245 -31.68 -0.59 -38.71
N ASN A 246 -32.01 -0.22 -37.48
CA ASN A 246 -32.95 0.89 -37.32
C ASN A 246 -32.36 2.19 -37.83
N LEU A 247 -31.05 2.39 -37.66
CA LEU A 247 -30.41 3.59 -38.17
C LEU A 247 -30.35 3.58 -39.70
N ALA A 248 -30.05 2.42 -40.29
CA ALA A 248 -30.17 2.27 -41.74
C ALA A 248 -31.57 2.61 -42.20
N LYS A 249 -32.58 2.13 -41.48
CA LYS A 249 -33.95 2.43 -41.85
C LYS A 249 -34.24 3.91 -41.72
N LEU A 250 -33.80 4.53 -40.62
CA LEU A 250 -34.04 5.96 -40.41
C LEU A 250 -33.33 6.86 -41.43
N THR A 251 -32.37 6.33 -42.19
CA THR A 251 -31.64 7.15 -43.16
C THR A 251 -31.86 6.68 -44.59
N GLY A 252 -32.81 5.76 -44.79
CA GLY A 252 -33.04 5.25 -46.13
C GLY A 252 -31.94 4.37 -46.64
N CYS A 253 -31.29 3.62 -45.74
CA CYS A 253 -30.19 2.73 -46.10
C CYS A 253 -30.52 1.26 -45.83
N SER A 254 -31.80 0.93 -45.63
CA SER A 254 -32.19 -0.47 -45.54
C SER A 254 -31.89 -1.19 -46.85
N ARG A 255 -31.15 -2.28 -46.76
CA ARG A 255 -30.75 -3.05 -47.93
C ARG A 255 -30.80 -4.53 -47.58
N GLU A 256 -30.72 -5.36 -48.61
CA GLU A 256 -30.88 -6.80 -48.41
C GLU A 256 -29.63 -7.42 -47.83
N ASN A 257 -28.45 -6.92 -48.16
CA ASN A 257 -27.22 -7.44 -47.56
C ASN A 257 -26.51 -6.33 -46.79
N GLU A 258 -25.81 -6.75 -45.74
CA GLU A 258 -25.24 -5.81 -44.78
C GLU A 258 -24.24 -4.87 -45.45
N THR A 259 -23.45 -5.38 -46.39
CA THR A 259 -22.40 -4.54 -46.95
C THR A 259 -22.96 -3.44 -47.83
N GLU A 260 -24.15 -3.63 -48.40
CA GLU A 260 -24.79 -2.51 -49.08
C GLU A 260 -25.35 -1.51 -48.08
N ILE A 261 -25.77 -1.99 -46.90
CA ILE A 261 -26.16 -1.08 -45.83
C ILE A 261 -24.99 -0.15 -45.46
N ILE A 262 -23.79 -0.73 -45.34
CA ILE A 262 -22.65 0.06 -44.90
C ILE A 262 -22.21 1.00 -46.01
N LYS A 263 -22.13 0.47 -47.24
CA LYS A 263 -21.88 1.30 -48.42
C LYS A 263 -22.86 2.45 -48.49
N CYS A 264 -24.13 2.19 -48.14
CA CYS A 264 -25.12 3.27 -48.12
C CYS A 264 -24.82 4.28 -47.02
N LEU A 265 -24.54 3.79 -45.80
CA LEU A 265 -24.25 4.67 -44.66
C LEU A 265 -23.00 5.49 -44.91
N ARG A 266 -21.99 4.90 -45.56
CA ARG A 266 -20.76 5.60 -45.88
C ARG A 266 -20.97 6.81 -46.78
N ASN A 267 -22.05 6.87 -47.55
CA ASN A 267 -22.28 8.03 -48.39
C ASN A 267 -23.13 9.10 -47.70
N LYS A 268 -23.69 8.79 -46.52
CA LYS A 268 -24.43 9.79 -45.76
C LYS A 268 -23.48 10.82 -45.16
N ASP A 269 -23.99 12.03 -45.02
CA ASP A 269 -23.29 13.09 -44.30
C ASP A 269 -23.20 12.74 -42.82
N PRO A 270 -22.09 13.05 -42.15
CA PRO A 270 -22.02 12.84 -40.70
C PRO A 270 -23.24 13.35 -39.95
N GLN A 271 -23.75 14.53 -40.35
CA GLN A 271 -24.88 15.13 -39.63
C GLN A 271 -26.16 14.33 -39.82
N GLU A 272 -26.36 13.75 -41.01
CA GLU A 272 -27.51 12.88 -41.23
C GLU A 272 -27.47 11.66 -40.31
N ILE A 273 -26.26 11.24 -39.90
CA ILE A 273 -26.11 10.09 -39.01
C ILE A 273 -26.29 10.51 -37.56
N LEU A 274 -25.57 11.56 -37.14
CA LEU A 274 -25.74 12.14 -35.80
C LEU A 274 -27.19 12.48 -35.51
N LEU A 275 -27.90 13.01 -36.51
CA LEU A 275 -29.28 13.45 -36.34
C LEU A 275 -30.24 12.30 -36.03
N ASN A 276 -29.90 11.08 -36.40
CA ASN A 276 -30.77 9.93 -36.22
C ASN A 276 -30.32 8.98 -35.14
N GLU A 277 -29.20 9.25 -34.46
CA GLU A 277 -28.70 8.32 -33.46
C GLU A 277 -29.63 8.21 -32.26
N ALA A 278 -30.30 9.31 -31.87
CA ALA A 278 -31.23 9.24 -30.76
C ALA A 278 -32.37 8.27 -31.03
N PHE A 279 -32.80 8.13 -32.28
CA PHE A 279 -34.03 7.44 -32.59
C PHE A 279 -33.88 5.91 -32.66
N VAL A 280 -32.66 5.36 -32.54
CA VAL A 280 -32.50 3.91 -32.71
C VAL A 280 -32.99 3.11 -31.50
N VAL A 281 -33.16 3.73 -30.34
CA VAL A 281 -33.69 3.07 -29.16
C VAL A 281 -35.19 3.37 -29.09
N PRO A 282 -36.05 2.39 -28.79
CA PRO A 282 -37.48 2.68 -28.69
C PRO A 282 -37.79 3.72 -27.62
N TYR A 283 -37.39 3.42 -26.40
CA TYR A 283 -37.53 4.33 -25.27
C TYR A 283 -36.18 4.48 -24.60
N GLY A 284 -35.74 5.72 -24.41
CA GLY A 284 -34.43 5.93 -23.83
C GLY A 284 -34.47 6.73 -22.55
N THR A 285 -33.48 6.55 -21.71
CA THR A 285 -33.32 7.32 -20.49
C THR A 285 -32.24 8.37 -20.68
N PRO A 286 -32.06 9.28 -19.72
CA PRO A 286 -30.94 10.23 -19.83
C PRO A 286 -29.58 9.56 -19.81
N LEU A 287 -29.54 8.23 -19.60
CA LEU A 287 -28.32 7.45 -19.57
C LEU A 287 -28.26 6.47 -20.73
N SER A 288 -28.98 6.74 -21.80
CA SER A 288 -28.98 5.84 -22.93
C SER A 288 -27.65 5.95 -23.66
N VAL A 289 -27.12 4.81 -24.03
CA VAL A 289 -25.96 4.70 -24.89
C VAL A 289 -26.49 4.07 -26.17
N ASN A 290 -26.82 4.94 -27.15
CA ASN A 290 -27.36 4.47 -28.42
C ASN A 290 -26.39 3.55 -29.12
N PHE A 291 -25.12 3.94 -29.17
CA PHE A 291 -24.09 3.18 -29.86
C PHE A 291 -22.86 3.13 -28.96
N GLY A 292 -22.59 1.98 -28.36
CA GLY A 292 -21.48 1.80 -27.47
C GLY A 292 -20.85 0.44 -27.63
N PRO A 293 -20.02 0.03 -26.65
CA PRO A 293 -19.38 -1.28 -26.74
C PRO A 293 -20.38 -2.41 -26.80
N THR A 294 -20.01 -3.45 -27.55
CA THR A 294 -20.79 -4.65 -27.73
C THR A 294 -19.83 -5.83 -27.75
N VAL A 295 -20.37 -7.04 -27.76
CA VAL A 295 -19.53 -8.23 -27.85
C VAL A 295 -19.24 -8.46 -29.33
N ASP A 296 -18.07 -8.01 -29.77
CA ASP A 296 -17.74 -8.01 -31.19
C ASP A 296 -17.02 -9.28 -31.66
N GLY A 297 -16.68 -10.19 -30.76
CA GLY A 297 -15.88 -11.34 -31.12
C GLY A 297 -14.43 -11.04 -31.41
N ASP A 298 -13.98 -9.84 -31.11
CA ASP A 298 -12.61 -9.45 -31.42
C ASP A 298 -11.99 -8.73 -30.23
N PHE A 299 -12.44 -7.50 -29.96
CA PHE A 299 -11.99 -6.79 -28.76
C PHE A 299 -12.54 -7.43 -27.50
N LEU A 300 -13.81 -7.88 -27.52
CA LEU A 300 -14.46 -8.64 -26.46
C LEU A 300 -14.92 -9.98 -27.02
N THR A 301 -14.37 -11.07 -26.51
CA THR A 301 -14.73 -12.39 -27.01
C THR A 301 -15.87 -13.06 -26.21
N ASP A 302 -16.50 -12.36 -25.28
CA ASP A 302 -17.61 -12.91 -24.49
C ASP A 302 -18.24 -11.75 -23.74
N MET A 303 -19.39 -11.98 -23.13
CA MET A 303 -19.97 -10.93 -22.30
C MET A 303 -19.04 -10.65 -21.13
N PRO A 304 -18.72 -9.38 -20.85
CA PRO A 304 -17.61 -9.07 -19.93
C PRO A 304 -17.79 -9.62 -18.53
N ASP A 305 -19.03 -9.77 -18.09
CA ASP A 305 -19.32 -10.38 -16.80
C ASP A 305 -18.80 -11.82 -16.73
N ILE A 306 -18.87 -12.56 -17.84
CA ILE A 306 -18.32 -13.91 -17.86
C ILE A 306 -16.79 -13.88 -17.70
N LEU A 307 -16.10 -13.06 -18.50
CA LEU A 307 -14.63 -13.01 -18.44
C LEU A 307 -14.15 -12.62 -17.06
N LEU A 308 -14.82 -11.64 -16.44
CA LEU A 308 -14.49 -11.24 -15.07
C LEU A 308 -14.67 -12.39 -14.12
N GLU A 309 -15.84 -13.03 -14.16
CA GLU A 309 -16.10 -14.12 -13.23
C GLU A 309 -15.07 -15.24 -13.38
N LEU A 310 -14.76 -15.63 -14.62
CA LEU A 310 -13.79 -16.69 -14.87
C LEU A 310 -12.34 -16.28 -14.67
N GLY A 311 -12.05 -15.07 -14.17
CA GLY A 311 -10.67 -14.68 -13.96
C GLY A 311 -9.87 -14.44 -15.22
N GLN A 312 -10.53 -14.22 -16.34
CA GLN A 312 -9.82 -14.01 -17.61
C GLN A 312 -9.69 -12.51 -17.85
N PHE A 313 -8.70 -11.92 -17.22
CA PHE A 313 -8.40 -10.51 -17.39
C PHE A 313 -6.97 -10.29 -16.96
N LYS A 314 -6.41 -9.14 -17.33
CA LYS A 314 -5.08 -8.76 -16.90
C LYS A 314 -4.97 -8.74 -15.37
N LYS A 315 -3.96 -9.43 -14.83
CA LYS A 315 -3.71 -9.45 -13.39
C LYS A 315 -2.75 -8.30 -13.01
N THR A 316 -3.30 -7.19 -12.52
CA THR A 316 -2.51 -6.03 -12.14
C THR A 316 -3.26 -5.28 -11.04
N GLN A 317 -2.71 -4.13 -10.62
CA GLN A 317 -3.33 -3.35 -9.55
C GLN A 317 -4.28 -2.32 -10.13
N ILE A 318 -5.41 -2.11 -9.45
CA ILE A 318 -6.41 -1.15 -9.91
C ILE A 318 -6.65 -0.12 -8.81
N LEU A 319 -7.01 1.07 -9.22
CA LEU A 319 -7.52 2.04 -8.29
C LEU A 319 -8.89 2.47 -8.79
N VAL A 320 -9.90 2.37 -7.93
CA VAL A 320 -11.29 2.55 -8.30
C VAL A 320 -11.95 3.51 -7.31
N GLY A 321 -12.89 4.30 -7.79
CA GLY A 321 -13.73 5.04 -6.87
C GLY A 321 -14.86 5.74 -7.57
N VAL A 322 -15.67 6.46 -6.77
CA VAL A 322 -16.90 7.11 -7.23
C VAL A 322 -17.12 8.37 -6.43
N ASN A 323 -18.01 9.22 -6.91
CA ASN A 323 -18.34 10.46 -6.21
C ASN A 323 -19.61 10.30 -5.39
N LYS A 324 -19.85 11.26 -4.50
CA LYS A 324 -20.95 11.14 -3.56
C LYS A 324 -22.31 11.33 -4.22
N ASP A 325 -22.40 12.17 -5.24
CA ASP A 325 -23.68 12.51 -5.85
C ASP A 325 -23.66 12.24 -7.35
N GLU A 326 -23.31 10.98 -7.72
CA GLU A 326 -23.20 10.62 -9.13
C GLU A 326 -24.47 10.92 -9.90
N GLY A 327 -25.63 10.84 -9.25
CA GLY A 327 -26.86 10.80 -10.00
C GLY A 327 -27.51 12.13 -10.29
N THR A 328 -27.19 13.17 -9.51
CA THR A 328 -27.99 14.37 -9.57
C THR A 328 -27.90 15.05 -10.94
N ALA A 329 -26.76 14.89 -11.63
CA ALA A 329 -26.58 15.50 -12.94
C ALA A 329 -27.63 15.04 -13.93
N PHE A 330 -28.08 13.79 -13.82
CA PHE A 330 -28.98 13.23 -14.81
C PHE A 330 -30.45 13.55 -14.54
N LEU A 331 -30.76 14.14 -13.39
CA LEU A 331 -32.15 14.44 -13.08
C LEU A 331 -32.66 15.68 -13.81
N VAL A 332 -31.78 16.67 -14.06
CA VAL A 332 -32.15 17.89 -14.75
C VAL A 332 -32.15 17.69 -16.26
N TYR A 333 -32.02 16.45 -16.72
CA TYR A 333 -32.05 16.10 -18.14
C TYR A 333 -33.21 15.18 -18.46
N GLY A 334 -34.37 15.43 -17.86
CA GLY A 334 -35.54 14.63 -18.15
C GLY A 334 -36.47 14.33 -16.98
N ALA A 335 -36.09 14.74 -15.75
CA ALA A 335 -37.05 14.26 -14.76
C ALA A 335 -38.00 15.39 -14.34
N PRO A 336 -39.28 15.05 -14.15
CA PRO A 336 -40.28 16.07 -13.81
C PRO A 336 -39.98 16.74 -12.48
N GLY A 337 -40.01 18.08 -12.50
CA GLY A 337 -39.88 18.87 -11.30
C GLY A 337 -38.47 19.32 -11.01
N PHE A 338 -37.50 18.88 -11.80
CA PHE A 338 -36.10 19.19 -11.55
C PHE A 338 -35.66 20.30 -12.49
N SER A 339 -35.15 21.39 -11.92
CA SER A 339 -34.45 22.43 -12.66
C SER A 339 -33.11 22.68 -12.00
N LYS A 340 -32.14 23.12 -12.79
CA LYS A 340 -30.89 23.62 -12.22
C LYS A 340 -31.08 24.99 -11.57
N ASP A 341 -32.16 25.68 -11.89
CA ASP A 341 -32.35 27.07 -11.44
C ASP A 341 -33.25 27.19 -10.21
N ASN A 342 -33.86 26.10 -9.74
CA ASN A 342 -34.57 26.08 -8.47
C ASN A 342 -34.11 24.87 -7.66
N ASN A 343 -34.58 24.78 -6.42
CA ASN A 343 -34.07 23.78 -5.48
C ASN A 343 -34.71 22.40 -5.65
N SER A 344 -35.61 22.25 -6.62
CA SER A 344 -36.10 20.95 -7.07
C SER A 344 -36.64 20.10 -5.91
N ILE A 345 -37.42 20.71 -5.02
CA ILE A 345 -38.19 19.92 -4.07
C ILE A 345 -39.37 19.29 -4.82
N ILE A 346 -39.40 17.97 -4.83
CA ILE A 346 -40.43 17.23 -5.56
C ILE A 346 -41.26 16.43 -4.57
N THR A 347 -42.31 15.81 -5.09
CA THR A 347 -43.27 15.07 -4.29
C THR A 347 -43.09 13.57 -4.50
N ARG A 348 -43.82 12.81 -3.70
CA ARG A 348 -43.81 11.36 -3.85
C ARG A 348 -44.34 10.93 -5.22
N LYS A 349 -45.24 11.72 -5.81
CA LYS A 349 -45.74 11.36 -7.13
C LYS A 349 -44.75 11.75 -8.22
N GLU A 350 -44.14 12.93 -8.08
CA GLU A 350 -43.03 13.30 -8.95
C GLU A 350 -41.89 12.28 -8.86
N PHE A 351 -41.58 11.81 -7.64
CA PHE A 351 -40.59 10.74 -7.49
C PHE A 351 -41.00 9.51 -8.31
N GLN A 352 -42.28 9.16 -8.30
CA GLN A 352 -42.72 7.98 -9.06
C GLN A 352 -42.58 8.19 -10.56
N GLU A 353 -42.80 9.42 -11.03
CA GLU A 353 -42.60 9.74 -12.44
C GLU A 353 -41.12 9.77 -12.79
N GLY A 354 -40.29 10.27 -11.88
CA GLY A 354 -38.85 10.13 -12.04
C GLY A 354 -38.43 8.70 -12.32
N LEU A 355 -38.97 7.75 -11.56
CA LEU A 355 -38.58 6.35 -11.75
C LEU A 355 -39.00 5.83 -13.12
N LYS A 356 -40.18 6.23 -13.60
CA LYS A 356 -40.62 5.86 -14.94
C LYS A 356 -39.61 6.33 -15.98
N ILE A 357 -39.12 7.57 -15.82
CA ILE A 357 -38.14 8.11 -16.74
C ILE A 357 -36.88 7.24 -16.80
N PHE A 358 -36.37 6.80 -15.64
CA PHE A 358 -35.10 6.10 -15.60
C PHE A 358 -35.25 4.58 -15.68
N PHE A 359 -36.44 4.04 -15.44
CA PHE A 359 -36.66 2.59 -15.49
C PHE A 359 -37.88 2.33 -16.37
N PRO A 360 -37.76 2.62 -17.67
CA PRO A 360 -38.94 2.55 -18.54
C PRO A 360 -39.54 1.17 -18.63
N GLY A 361 -38.72 0.12 -18.62
CA GLY A 361 -39.25 -1.21 -18.86
C GLY A 361 -39.47 -2.05 -17.63
N VAL A 362 -39.52 -1.44 -16.44
CA VAL A 362 -39.62 -2.17 -15.17
C VAL A 362 -41.08 -2.22 -14.72
N SER A 363 -41.49 -3.35 -14.15
CA SER A 363 -42.86 -3.56 -13.69
C SER A 363 -43.29 -2.53 -12.65
N GLU A 364 -44.60 -2.47 -12.40
CA GLU A 364 -45.12 -1.57 -11.38
C GLU A 364 -44.69 -2.01 -10.00
N PHE A 365 -44.53 -3.33 -9.79
CA PHE A 365 -44.04 -3.80 -8.50
C PHE A 365 -42.57 -3.45 -8.33
N GLY A 366 -41.77 -3.64 -9.39
CA GLY A 366 -40.37 -3.25 -9.34
C GLY A 366 -40.17 -1.80 -8.99
N LYS A 367 -40.94 -0.92 -9.60
CA LYS A 367 -40.83 0.50 -9.27
C LYS A 367 -41.27 0.78 -7.84
N GLU A 368 -42.23 0.00 -7.32
CA GLU A 368 -42.65 0.19 -5.94
C GLU A 368 -41.55 -0.24 -4.96
N SER A 369 -40.93 -1.40 -5.22
CA SER A 369 -39.87 -1.86 -4.33
C SER A 369 -38.67 -0.90 -4.30
N ILE A 370 -38.30 -0.32 -5.44
CA ILE A 370 -37.25 0.71 -5.47
C ILE A 370 -37.65 1.86 -4.56
N LEU A 371 -38.90 2.31 -4.69
CA LEU A 371 -39.41 3.39 -3.85
C LEU A 371 -39.34 3.02 -2.38
N PHE A 372 -39.71 1.79 -2.03
CA PHE A 372 -39.79 1.40 -0.62
C PHE A 372 -38.41 1.37 0.01
N HIS A 373 -37.42 0.88 -0.73
CA HIS A 373 -36.07 0.76 -0.20
C HIS A 373 -35.44 2.12 0.07
N TYR A 374 -35.92 3.16 -0.60
CA TYR A 374 -35.30 4.48 -0.58
C TYR A 374 -36.16 5.51 0.14
N THR A 375 -37.16 5.08 0.91
CA THR A 375 -38.03 6.01 1.62
C THR A 375 -38.04 5.83 3.14
N ASP A 376 -37.19 4.95 3.69
CA ASP A 376 -37.09 4.83 5.14
C ASP A 376 -36.46 6.08 5.75
N TRP A 377 -37.16 7.21 5.72
CA TRP A 377 -36.55 8.48 6.11
C TRP A 377 -36.09 8.46 7.56
N VAL A 378 -35.00 9.18 7.81
CA VAL A 378 -34.62 9.51 9.18
C VAL A 378 -35.51 10.62 9.72
N ASP A 379 -35.82 11.63 8.91
CA ASP A 379 -36.73 12.71 9.30
C ASP A 379 -37.81 12.84 8.23
N ASP A 380 -39.08 12.75 8.64
CA ASP A 380 -40.20 12.73 7.70
C ASP A 380 -40.32 14.00 6.88
N GLN A 381 -39.75 15.12 7.33
CA GLN A 381 -39.75 16.36 6.56
C GLN A 381 -38.84 17.40 7.21
N ARG A 382 -37.69 17.76 6.61
CA ARG A 382 -37.10 17.29 5.34
C ARG A 382 -38.03 17.27 4.12
N PRO A 383 -38.35 18.46 3.61
CA PRO A 383 -38.94 18.52 2.26
C PRO A 383 -38.04 17.88 1.20
N GLU A 384 -36.73 17.94 1.39
CA GLU A 384 -35.75 17.45 0.43
C GLU A 384 -35.69 15.92 0.30
N ASN A 385 -36.52 15.16 1.02
CA ASN A 385 -36.34 13.71 1.05
C ASN A 385 -36.45 13.08 -0.34
N TYR A 386 -37.53 13.36 -1.06
CA TYR A 386 -37.73 12.64 -2.31
C TYR A 386 -36.73 13.07 -3.39
N ARG A 387 -36.38 14.35 -3.43
CA ARG A 387 -35.35 14.84 -4.35
C ARG A 387 -34.05 14.04 -4.19
N GLU A 388 -33.54 13.94 -2.95
CA GLU A 388 -32.29 13.23 -2.70
C GLU A 388 -32.44 11.71 -2.90
N ALA A 389 -33.61 11.16 -2.59
CA ALA A 389 -33.81 9.73 -2.83
C ALA A 389 -33.64 9.41 -4.31
N LEU A 390 -34.16 10.26 -5.20
CA LEU A 390 -34.09 9.97 -6.63
C LEU A 390 -32.66 10.06 -7.15
N GLY A 391 -31.96 11.14 -6.80
CA GLY A 391 -30.55 11.23 -7.15
C GLY A 391 -29.77 10.00 -6.71
N ASP A 392 -30.08 9.48 -5.52
CA ASP A 392 -29.33 8.34 -4.98
C ASP A 392 -29.71 7.05 -5.67
N VAL A 393 -30.99 6.89 -6.01
CA VAL A 393 -31.41 5.75 -6.82
C VAL A 393 -30.61 5.70 -8.11
N VAL A 394 -30.60 6.82 -8.83
CA VAL A 394 -29.87 6.92 -10.10
C VAL A 394 -28.38 6.70 -9.87
N GLY A 395 -27.83 7.36 -8.86
CA GLY A 395 -26.39 7.22 -8.59
C GLY A 395 -25.99 5.80 -8.20
N ASP A 396 -26.78 5.14 -7.35
CA ASP A 396 -26.36 3.82 -6.88
C ASP A 396 -26.43 2.80 -8.00
N TYR A 397 -27.52 2.80 -8.74
CA TYR A 397 -27.73 1.76 -9.72
C TYR A 397 -26.77 1.89 -10.90
N ASN A 398 -26.48 3.12 -11.34
CA ASN A 398 -25.65 3.30 -12.54
C ASN A 398 -24.14 3.42 -12.28
N PHE A 399 -23.69 3.91 -11.12
CA PHE A 399 -22.25 4.08 -10.89
C PHE A 399 -21.70 3.38 -9.65
N ILE A 400 -22.26 3.66 -8.48
CA ILE A 400 -21.63 3.27 -7.22
C ILE A 400 -21.67 1.76 -7.03
N CYS A 401 -22.84 1.16 -7.13
CA CYS A 401 -22.92 -0.26 -6.82
C CYS A 401 -22.17 -1.10 -7.85
N PRO A 402 -22.18 -0.78 -9.15
CA PRO A 402 -21.33 -1.55 -10.08
C PRO A 402 -19.83 -1.34 -9.84
N ALA A 403 -19.37 -0.12 -9.56
CA ALA A 403 -17.96 0.05 -9.23
C ALA A 403 -17.55 -0.81 -8.04
N LEU A 404 -18.40 -0.85 -6.99
CA LEU A 404 -18.09 -1.67 -5.82
C LEU A 404 -18.06 -3.14 -6.17
N GLU A 405 -19.02 -3.59 -6.99
CA GLU A 405 -19.08 -5.00 -7.37
C GLU A 405 -17.91 -5.41 -8.26
N PHE A 406 -17.52 -4.56 -9.23
CA PHE A 406 -16.34 -4.84 -10.04
C PHE A 406 -15.08 -4.93 -9.15
N THR A 407 -14.95 -4.04 -8.16
CA THR A 407 -13.75 -4.05 -7.32
C THR A 407 -13.67 -5.33 -6.48
N LYS A 408 -14.80 -5.73 -5.87
CA LYS A 408 -14.87 -7.02 -5.17
C LYS A 408 -14.39 -8.16 -6.05
N LYS A 409 -15.08 -8.36 -7.18
CA LYS A 409 -14.79 -9.50 -8.04
C LYS A 409 -13.36 -9.46 -8.55
N PHE A 410 -12.90 -8.29 -8.96
CA PHE A 410 -11.53 -8.20 -9.45
C PHE A 410 -10.54 -8.57 -8.35
N SER A 411 -10.75 -8.05 -7.14
CA SER A 411 -9.79 -8.28 -6.08
C SER A 411 -9.77 -9.74 -5.63
N GLU A 412 -10.86 -10.47 -5.83
CA GLU A 412 -10.89 -11.88 -5.43
C GLU A 412 -9.85 -12.72 -6.18
N TRP A 413 -9.26 -12.21 -7.26
CA TRP A 413 -8.30 -13.00 -8.01
C TRP A 413 -6.86 -12.67 -7.66
N GLY A 414 -6.62 -11.87 -6.63
CA GLY A 414 -5.32 -11.84 -5.98
C GLY A 414 -4.48 -10.61 -6.19
N ASN A 415 -4.97 -9.58 -6.87
CA ASN A 415 -4.21 -8.33 -7.02
C ASN A 415 -4.75 -7.29 -6.06
N ASN A 416 -3.93 -6.28 -5.79
CA ASN A 416 -4.30 -5.24 -4.84
C ASN A 416 -5.22 -4.23 -5.49
N ALA A 417 -6.36 -3.99 -4.86
CA ALA A 417 -7.30 -2.97 -5.31
C ALA A 417 -7.44 -1.90 -4.23
N PHE A 418 -7.77 -0.69 -4.66
CA PHE A 418 -7.89 0.46 -3.79
C PHE A 418 -9.13 1.25 -4.16
N PHE A 419 -10.00 1.50 -3.18
CA PHE A 419 -11.25 2.17 -3.47
C PHE A 419 -11.33 3.52 -2.76
N TYR A 420 -11.97 4.49 -3.42
CA TYR A 420 -12.12 5.82 -2.86
C TYR A 420 -13.55 6.32 -3.01
N TYR A 421 -13.95 7.19 -2.08
CA TYR A 421 -15.22 7.90 -2.11
C TYR A 421 -14.88 9.39 -2.10
N PHE A 422 -15.21 10.08 -3.18
CA PHE A 422 -14.85 11.49 -3.33
C PHE A 422 -16.03 12.36 -2.90
N GLU A 423 -15.84 13.13 -1.84
CA GLU A 423 -16.95 13.83 -1.18
C GLU A 423 -16.86 15.35 -1.24
N HIS A 424 -15.88 15.92 -1.91
CA HIS A 424 -15.70 17.37 -1.89
C HIS A 424 -16.44 18.03 -3.04
N ARG A 425 -17.37 18.92 -2.73
CA ARG A 425 -17.96 19.77 -3.76
C ARG A 425 -17.02 20.92 -4.11
N SER A 426 -16.76 21.10 -5.40
CA SER A 426 -15.88 22.18 -5.84
C SER A 426 -16.51 23.52 -5.53
N SER A 427 -15.72 24.41 -4.94
CA SER A 427 -16.19 25.75 -4.60
C SER A 427 -16.58 26.57 -5.82
N LYS A 428 -16.08 26.21 -7.01
CA LYS A 428 -16.41 26.91 -8.24
C LYS A 428 -17.45 26.18 -9.07
N LEU A 429 -18.16 25.22 -8.49
CA LEU A 429 -19.08 24.41 -9.29
C LEU A 429 -20.25 25.24 -9.79
N PRO A 430 -20.47 25.36 -11.10
CA PRO A 430 -21.54 26.25 -11.60
C PRO A 430 -22.95 25.72 -11.37
N TRP A 431 -23.12 24.45 -11.00
CA TRP A 431 -24.43 23.86 -10.78
C TRP A 431 -24.93 24.18 -9.36
N PRO A 432 -26.25 24.14 -9.14
CA PRO A 432 -26.78 24.47 -7.82
C PRO A 432 -26.29 23.50 -6.75
N GLU A 433 -26.48 23.92 -5.49
CA GLU A 433 -25.97 23.16 -4.35
C GLU A 433 -26.72 21.85 -4.15
N TRP A 434 -28.01 21.78 -4.52
CA TRP A 434 -28.76 20.56 -4.25
C TRP A 434 -28.23 19.37 -5.03
N MET A 435 -27.45 19.62 -6.09
CA MET A 435 -26.83 18.56 -6.88
C MET A 435 -25.56 18.00 -6.24
N GLY A 436 -24.88 18.78 -5.40
CA GLY A 436 -23.83 18.22 -4.56
C GLY A 436 -22.56 17.88 -5.34
N VAL A 437 -21.91 16.79 -4.92
CA VAL A 437 -20.67 16.30 -5.52
C VAL A 437 -20.95 15.48 -6.78
N MET A 438 -21.03 16.18 -7.91
CA MET A 438 -21.64 15.67 -9.12
C MET A 438 -20.72 14.72 -9.89
N HIS A 439 -21.34 14.01 -10.83
CA HIS A 439 -20.65 13.18 -11.80
C HIS A 439 -19.69 14.02 -12.64
N GLY A 440 -18.42 13.63 -12.65
CA GLY A 440 -17.40 14.30 -13.43
C GLY A 440 -16.66 15.44 -12.74
N TYR A 441 -16.97 15.76 -11.49
CA TYR A 441 -16.39 16.95 -10.87
C TYR A 441 -15.29 16.64 -9.87
N GLU A 442 -14.72 15.45 -9.94
CA GLU A 442 -13.42 15.15 -9.35
C GLU A 442 -12.28 15.30 -10.36
N ILE A 443 -12.61 15.41 -11.65
CA ILE A 443 -11.59 15.36 -12.70
C ILE A 443 -10.64 16.54 -12.57
N GLU A 444 -11.18 17.76 -12.46
CA GLU A 444 -10.35 18.95 -12.28
C GLU A 444 -9.44 18.83 -11.06
N PHE A 445 -9.82 18.03 -10.05
CA PHE A 445 -8.92 17.80 -8.93
C PHE A 445 -7.85 16.75 -9.22
N VAL A 446 -8.16 15.75 -10.05
CA VAL A 446 -7.18 14.73 -10.43
C VAL A 446 -6.08 15.32 -11.31
N PHE A 447 -6.42 16.31 -12.13
CA PHE A 447 -5.45 16.90 -13.06
C PHE A 447 -4.74 18.12 -12.46
N GLY A 448 -5.03 18.47 -11.19
CA GLY A 448 -4.31 19.52 -10.49
C GLY A 448 -4.73 20.95 -10.79
N LEU A 449 -5.90 21.18 -11.41
CA LEU A 449 -6.34 22.54 -11.70
C LEU A 449 -6.41 23.44 -10.47
N PRO A 450 -6.73 22.92 -9.27
CA PRO A 450 -6.61 23.77 -8.07
C PRO A 450 -5.19 24.14 -7.69
N LEU A 451 -4.15 23.49 -8.22
CA LEU A 451 -2.80 23.92 -7.86
C LEU A 451 -2.47 25.30 -8.39
N GLU A 452 -3.14 25.73 -9.47
CA GLU A 452 -2.95 27.06 -10.04
C GLU A 452 -3.63 28.08 -9.15
N ARG A 453 -2.84 28.89 -8.43
CA ARG A 453 -3.37 29.83 -7.46
C ARG A 453 -4.10 30.99 -8.11
N ARG A 454 -3.73 31.36 -9.36
CA ARG A 454 -4.43 32.45 -10.03
C ARG A 454 -5.87 32.09 -10.39
N ASP A 455 -6.38 30.94 -9.97
CA ASP A 455 -7.65 30.42 -10.49
C ASP A 455 -8.79 30.46 -9.47
N ASN A 456 -8.57 31.04 -8.30
CA ASN A 456 -9.62 31.35 -7.32
C ASN A 456 -10.21 30.10 -6.65
N TYR A 457 -9.44 29.02 -6.56
CA TYR A 457 -9.84 27.92 -5.70
C TYR A 457 -9.50 28.25 -4.25
N THR A 458 -10.17 27.59 -3.32
CA THR A 458 -9.74 27.76 -1.93
C THR A 458 -8.39 27.09 -1.73
N LYS A 459 -7.73 27.41 -0.62
CA LYS A 459 -6.43 26.81 -0.37
C LYS A 459 -6.59 25.37 0.08
N ALA A 460 -7.68 25.07 0.81
CA ALA A 460 -7.97 23.69 1.15
C ALA A 460 -8.12 22.83 -0.11
N GLU A 461 -8.70 23.41 -1.17
CA GLU A 461 -8.79 22.67 -2.43
C GLU A 461 -7.42 22.49 -3.08
N GLU A 462 -6.50 23.44 -2.89
CA GLU A 462 -5.15 23.18 -3.37
C GLU A 462 -4.51 22.01 -2.63
N ILE A 463 -4.70 21.93 -1.30
CA ILE A 463 -4.12 20.82 -0.54
C ILE A 463 -4.77 19.51 -0.93
N LEU A 464 -6.07 19.53 -1.22
CA LEU A 464 -6.76 18.29 -1.59
C LEU A 464 -6.33 17.81 -2.97
N SER A 465 -6.33 18.72 -3.95
CA SER A 465 -5.83 18.39 -5.28
C SER A 465 -4.37 17.97 -5.26
N ARG A 466 -3.53 18.64 -4.48
CA ARG A 466 -2.13 18.27 -4.42
CA ARG A 466 -2.13 18.25 -4.38
C ARG A 466 -1.98 16.85 -3.86
N SER A 467 -2.88 16.43 -2.99
CA SER A 467 -2.81 15.10 -2.41
C SER A 467 -3.29 14.05 -3.41
N ILE A 468 -4.37 14.34 -4.14
CA ILE A 468 -4.94 13.38 -5.09
C ILE A 468 -3.99 13.19 -6.28
N VAL A 469 -3.43 14.29 -6.78
CA VAL A 469 -2.36 14.23 -7.78
C VAL A 469 -1.21 13.34 -7.31
N LYS A 470 -0.81 13.46 -6.05
CA LYS A 470 0.31 12.68 -5.55
C LYS A 470 -0.06 11.21 -5.43
N ARG A 471 -1.25 10.93 -4.90
CA ARG A 471 -1.66 9.54 -4.74
C ARG A 471 -1.86 8.87 -6.10
N TRP A 472 -2.49 9.54 -7.06
CA TRP A 472 -2.64 8.97 -8.40
C TRP A 472 -1.29 8.65 -9.04
N ALA A 473 -0.35 9.61 -8.98
CA ALA A 473 0.96 9.39 -9.62
C ALA A 473 1.78 8.33 -8.88
N ASN A 474 1.72 8.32 -7.55
CA ASN A 474 2.40 7.27 -6.81
C ASN A 474 1.82 5.91 -7.14
N PHE A 475 0.48 5.83 -7.24
CA PHE A 475 -0.15 4.59 -7.70
C PHE A 475 0.43 4.13 -9.03
N ALA A 476 0.54 5.03 -10.01
CA ALA A 476 1.05 4.64 -11.32
C ALA A 476 2.50 4.16 -11.21
N LYS A 477 3.35 4.95 -10.53
CA LYS A 477 4.75 4.59 -10.35
C LYS A 477 4.92 3.32 -9.52
N TYR A 478 4.19 3.18 -8.40
CA TYR A 478 4.49 2.09 -7.48
C TYR A 478 3.38 1.07 -7.24
N GLY A 479 2.21 1.22 -7.85
CA GLY A 479 1.12 0.30 -7.56
C GLY A 479 0.47 0.49 -6.21
N ASN A 480 0.80 1.57 -5.50
CA ASN A 480 0.30 1.85 -4.18
C ASN A 480 0.02 3.35 -4.12
N PRO A 481 -1.23 3.76 -3.88
CA PRO A 481 -1.60 5.21 -3.89
C PRO A 481 -1.24 5.92 -2.60
N ASN A 482 0.00 5.80 -2.15
CA ASN A 482 0.45 6.43 -0.93
C ASN A 482 0.82 7.90 -1.17
N GLU A 483 0.79 8.69 -0.10
CA GLU A 483 1.20 10.09 -0.20
C GLU A 483 2.61 10.27 0.37
N THR A 484 2.75 10.22 1.69
CA THR A 484 4.06 10.14 2.30
C THR A 484 4.04 9.00 3.30
N GLN A 485 5.23 8.61 3.77
CA GLN A 485 5.30 7.52 4.75
C GLN A 485 4.77 7.97 6.11
N ASN A 486 5.17 9.16 6.56
CA ASN A 486 4.67 9.72 7.81
C ASN A 486 3.62 10.80 7.54
N ASN A 487 2.79 11.04 8.56
CA ASN A 487 1.81 12.12 8.57
C ASN A 487 0.83 12.03 7.40
N SER A 488 0.27 10.83 7.22
CA SER A 488 -0.65 10.56 6.12
C SER A 488 -1.50 9.33 6.47
N THR A 489 -2.79 9.41 6.16
CA THR A 489 -3.68 8.26 6.33
C THR A 489 -3.27 7.15 5.36
N SER A 490 -3.04 5.97 5.87
CA SER A 490 -2.76 4.86 4.97
C SER A 490 -4.02 4.51 4.19
N TRP A 491 -3.87 4.36 2.87
CA TRP A 491 -4.92 3.87 2.02
C TRP A 491 -4.82 2.35 1.97
N PRO A 492 -5.73 1.61 2.61
CA PRO A 492 -5.60 0.15 2.65
C PRO A 492 -6.24 -0.54 1.44
N VAL A 493 -5.76 -1.75 1.15
CA VAL A 493 -6.31 -2.51 0.04
C VAL A 493 -7.75 -2.84 0.32
N PHE A 494 -8.53 -2.85 -0.75
CA PHE A 494 -9.93 -3.24 -0.74
C PHE A 494 -10.02 -4.76 -0.88
N LYS A 495 -10.56 -5.40 0.13
CA LYS A 495 -10.65 -6.84 0.24
C LYS A 495 -12.11 -7.18 0.42
N SER A 496 -12.58 -8.27 -0.21
CA SER A 496 -14.02 -8.51 -0.31
C SER A 496 -14.67 -8.81 1.04
N THR A 497 -13.89 -9.14 2.07
CA THR A 497 -14.45 -9.28 3.41
C THR A 497 -14.65 -7.92 4.08
N GLU A 498 -13.56 -7.21 4.34
CA GLU A 498 -13.66 -5.96 5.08
C GLU A 498 -14.19 -4.84 4.21
N GLN A 499 -13.73 -4.78 2.94
CA GLN A 499 -14.21 -3.82 1.95
C GLN A 499 -13.92 -2.38 2.37
N LYS A 500 -12.65 -2.13 2.70
CA LYS A 500 -12.21 -0.83 3.19
C LYS A 500 -11.99 0.15 2.04
N TYR A 501 -12.32 1.42 2.29
CA TYR A 501 -12.12 2.46 1.30
C TYR A 501 -11.67 3.74 1.99
N LEU A 502 -11.06 4.64 1.23
CA LEU A 502 -10.61 5.93 1.68
C LEU A 502 -11.54 7.02 1.15
N THR A 503 -12.01 7.89 2.03
CA THR A 503 -12.80 9.05 1.66
C THR A 503 -11.87 10.23 1.38
N LEU A 504 -12.24 11.05 0.40
CA LEU A 504 -11.43 12.19 -0.04
C LEU A 504 -12.27 13.45 0.04
N ASN A 505 -11.84 14.38 0.89
CA ASN A 505 -12.49 15.68 1.10
C ASN A 505 -11.54 16.52 1.95
N THR A 506 -11.93 17.79 2.18
CA THR A 506 -11.04 18.74 2.83
C THR A 506 -11.03 18.61 4.34
N GLU A 507 -12.05 18.01 4.94
CA GLU A 507 -12.15 17.91 6.39
C GLU A 507 -11.30 16.79 6.95
N SER A 508 -11.61 15.55 6.59
CA SER A 508 -10.92 14.39 7.14
C SER A 508 -10.96 13.24 6.15
N THR A 509 -9.79 12.75 5.75
CA THR A 509 -9.75 11.52 4.96
C THR A 509 -9.74 10.33 5.91
N ARG A 510 -10.77 9.50 5.82
CA ARG A 510 -11.01 8.44 6.78
C ARG A 510 -10.96 7.09 6.08
N ILE A 511 -10.57 6.08 6.81
CA ILE A 511 -10.72 4.71 6.36
C ILE A 511 -12.10 4.25 6.78
N MET A 512 -12.89 3.73 5.83
CA MET A 512 -14.25 3.31 6.12
C MET A 512 -14.48 1.97 5.47
N THR A 513 -15.67 1.41 5.70
CA THR A 513 -15.98 0.06 5.26
C THR A 513 -17.40 -0.01 4.69
N LYS A 514 -17.56 -0.93 3.73
CA LYS A 514 -18.84 -1.37 3.18
C LYS A 514 -19.71 -0.21 2.70
N LEU A 515 -19.15 0.58 1.78
CA LEU A 515 -19.81 1.79 1.27
C LEU A 515 -21.20 1.49 0.72
N ARG A 516 -22.21 2.06 1.38
CA ARG A 516 -23.61 2.01 0.93
C ARG A 516 -24.08 0.57 0.70
N ALA A 517 -23.64 -0.34 1.58
CA ALA A 517 -23.97 -1.76 1.42
C ALA A 517 -25.47 -2.00 1.53
N GLN A 518 -26.16 -1.27 2.41
CA GLN A 518 -27.59 -1.47 2.55
C GLN A 518 -28.33 -1.10 1.27
N GLN A 519 -27.93 0.00 0.62
CA GLN A 519 -28.47 0.34 -0.71
C GLN A 519 -28.11 -0.71 -1.75
N CYS A 520 -26.83 -1.02 -1.88
CA CYS A 520 -26.37 -1.84 -3.00
C CYS A 520 -26.91 -3.25 -2.94
N ARG A 521 -27.23 -3.73 -1.74
CA ARG A 521 -27.80 -5.07 -1.57
C ARG A 521 -29.10 -5.20 -2.35
N PHE A 522 -29.89 -4.13 -2.39
CA PHE A 522 -31.07 -4.12 -3.25
C PHE A 522 -30.71 -4.39 -4.70
N TRP A 523 -29.79 -3.59 -5.26
CA TRP A 523 -29.46 -3.67 -6.70
C TRP A 523 -28.74 -4.97 -7.04
N THR A 524 -27.96 -5.52 -6.12
CA THR A 524 -27.26 -6.76 -6.45
C THR A 524 -28.12 -7.98 -6.21
N SER A 525 -29.01 -7.94 -5.21
CA SER A 525 -29.71 -9.14 -4.75
C SER A 525 -31.23 -9.13 -4.89
N PHE A 526 -31.87 -7.97 -5.11
CA PHE A 526 -33.31 -7.97 -5.33
C PHE A 526 -33.70 -7.47 -6.72
N PHE A 527 -33.15 -6.36 -7.18
CA PHE A 527 -33.56 -5.81 -8.47
C PHE A 527 -33.38 -6.75 -9.66
N PRO A 528 -32.36 -7.62 -9.71
CA PRO A 528 -32.30 -8.57 -10.85
C PRO A 528 -33.37 -9.64 -10.81
N LYS A 529 -34.05 -9.84 -9.69
CA LYS A 529 -35.14 -10.80 -9.57
C LYS A 529 -36.49 -10.17 -9.86
N VAL A 530 -36.48 -8.94 -10.31
CA VAL A 530 -37.68 -8.18 -10.56
C VAL A 530 -37.92 -8.06 -12.06
N ILE B 5 38.55 7.74 4.41
CA ILE B 5 39.59 6.72 4.44
C ILE B 5 39.03 5.41 3.89
N ILE B 6 39.91 4.55 3.39
CA ILE B 6 39.54 3.34 2.67
C ILE B 6 40.03 2.12 3.43
N ILE B 7 39.24 1.05 3.42
CA ILE B 7 39.59 -0.25 3.98
C ILE B 7 39.31 -1.32 2.94
N ALA B 8 40.22 -2.26 2.76
CA ALA B 8 40.07 -3.33 1.79
C ALA B 8 39.44 -4.54 2.47
N THR B 9 38.22 -4.87 2.06
CA THR B 9 37.54 -6.09 2.46
C THR B 9 37.82 -7.19 1.45
N LYS B 10 37.60 -8.44 1.87
CA LYS B 10 37.95 -9.59 1.03
C LYS B 10 37.20 -9.61 -0.30
N ASN B 11 36.22 -8.72 -0.51
CA ASN B 11 35.50 -8.64 -1.77
C ASN B 11 35.62 -7.26 -2.43
N GLY B 12 36.61 -6.48 -2.04
CA GLY B 12 36.78 -5.16 -2.60
C GLY B 12 37.02 -4.13 -1.52
N LYS B 13 37.27 -2.89 -1.88
CA LYS B 13 37.52 -1.86 -0.89
C LYS B 13 36.27 -1.00 -0.73
N VAL B 14 36.12 -0.44 0.46
CA VAL B 14 35.01 0.45 0.79
C VAL B 14 35.57 1.76 1.34
N ARG B 15 34.84 2.85 1.14
CA ARG B 15 35.21 4.16 1.64
C ARG B 15 34.27 4.56 2.76
N GLY B 16 34.84 5.06 3.87
CA GLY B 16 34.09 5.40 5.05
C GLY B 16 33.90 6.89 5.25
N MET B 17 33.55 7.25 6.47
CA MET B 17 33.24 8.62 6.85
C MET B 17 33.86 8.92 8.20
N ASN B 18 34.19 10.18 8.41
CA ASN B 18 34.63 10.67 9.71
C ASN B 18 33.45 11.33 10.40
N LEU B 19 33.16 10.90 11.62
CA LEU B 19 32.10 11.46 12.43
C LEU B 19 32.71 12.11 13.66
N THR B 20 32.30 13.33 13.95
CA THR B 20 32.81 14.06 15.11
C THR B 20 31.86 13.82 16.27
N VAL B 21 32.32 13.08 17.27
CA VAL B 21 31.50 12.57 18.37
C VAL B 21 32.16 12.90 19.69
N PHE B 22 31.53 13.79 20.46
CA PHE B 22 31.97 14.13 21.81
C PHE B 22 33.44 14.54 21.81
N GLY B 23 33.73 15.59 21.04
CA GLY B 23 35.08 16.10 20.94
C GLY B 23 36.09 15.19 20.27
N GLY B 24 35.70 13.97 19.90
CA GLY B 24 36.58 13.06 19.22
C GLY B 24 36.06 12.69 17.85
N THR B 25 36.51 11.57 17.32
CA THR B 25 36.15 11.13 15.98
C THR B 25 35.77 9.67 16.01
N VAL B 26 34.74 9.32 15.27
CA VAL B 26 34.41 7.93 14.99
C VAL B 26 34.37 7.76 13.48
N THR B 27 34.96 6.68 13.00
CA THR B 27 34.94 6.36 11.58
C THR B 27 33.75 5.43 11.32
N ALA B 28 32.90 5.79 10.36
CA ALA B 28 31.68 5.05 10.06
C ALA B 28 31.67 4.53 8.64
N PHE B 29 31.29 3.27 8.47
CA PHE B 29 30.99 2.67 7.17
C PHE B 29 29.52 2.24 7.19
N LEU B 30 28.67 3.02 6.53
CA LEU B 30 27.25 2.74 6.50
C LEU B 30 26.89 2.17 5.13
N GLY B 31 26.27 0.98 5.13
CA GLY B 31 25.71 0.45 3.90
C GLY B 31 26.66 -0.42 3.11
N ILE B 32 27.51 -1.17 3.81
CA ILE B 32 28.35 -2.16 3.14
C ILE B 32 27.47 -3.35 2.70
N PRO B 33 27.52 -3.77 1.43
CA PRO B 33 26.79 -4.98 1.05
C PRO B 33 27.50 -6.23 1.53
N TYR B 34 26.71 -7.22 1.93
CA TYR B 34 27.25 -8.47 2.46
C TYR B 34 26.61 -9.70 1.82
N ALA B 35 25.74 -9.52 0.83
CA ALA B 35 25.12 -10.63 0.13
C ALA B 35 24.59 -10.14 -1.20
N GLN B 36 24.38 -11.08 -2.11
CA GLN B 36 23.74 -10.71 -3.37
C GLN B 36 22.31 -10.25 -3.09
N PRO B 37 21.83 -9.25 -3.82
CA PRO B 37 20.45 -8.81 -3.64
C PRO B 37 19.48 -9.96 -3.88
N PRO B 38 18.60 -10.28 -2.87
CA PRO B 38 17.68 -11.44 -3.00
C PRO B 38 16.50 -11.14 -3.91
N LEU B 39 16.79 -10.81 -5.17
CA LEU B 39 15.77 -10.40 -6.14
C LEU B 39 15.55 -11.46 -7.21
N GLY B 40 14.35 -11.43 -7.78
CA GLY B 40 14.00 -12.28 -8.90
C GLY B 40 13.94 -13.75 -8.54
N ARG B 41 14.87 -14.55 -9.08
CA ARG B 41 14.92 -15.96 -8.74
C ARG B 41 15.45 -16.21 -7.33
N LEU B 42 16.05 -15.19 -6.68
CA LEU B 42 16.54 -15.34 -5.32
C LEU B 42 15.53 -14.94 -4.25
N ARG B 43 14.40 -14.33 -4.61
CA ARG B 43 13.37 -14.08 -3.62
C ARG B 43 12.95 -15.40 -2.96
N PHE B 44 12.93 -15.39 -1.62
CA PHE B 44 12.57 -16.47 -0.72
C PHE B 44 13.71 -17.46 -0.50
N LYS B 45 14.86 -17.30 -1.13
CA LYS B 45 15.94 -18.24 -0.92
C LYS B 45 16.91 -17.73 0.15
N LYS B 46 17.80 -18.62 0.59
CA LYS B 46 18.85 -18.23 1.53
C LYS B 46 19.74 -17.18 0.87
N PRO B 47 20.46 -16.38 1.67
CA PRO B 47 21.30 -15.34 1.06
C PRO B 47 22.50 -15.96 0.36
N GLN B 48 22.79 -15.46 -0.83
CA GLN B 48 23.93 -15.93 -1.62
C GLN B 48 25.13 -15.05 -1.34
N SER B 49 26.27 -15.70 -1.06
CA SER B 49 27.52 -14.98 -0.82
C SER B 49 27.89 -14.05 -1.98
N LEU B 50 28.55 -12.97 -1.63
CA LEU B 50 28.92 -11.93 -2.57
C LEU B 50 30.23 -12.28 -3.27
N THR B 51 30.34 -11.91 -4.54
CA THR B 51 31.65 -11.97 -5.19
C THR B 51 32.22 -10.56 -5.35
N LYS B 52 33.53 -10.52 -5.63
CA LYS B 52 34.32 -9.30 -5.51
C LYS B 52 33.88 -8.22 -6.49
N TRP B 53 34.00 -6.96 -6.05
CA TRP B 53 33.81 -5.80 -6.91
C TRP B 53 35.15 -5.09 -7.10
N SER B 54 35.37 -4.58 -8.31
CA SER B 54 36.66 -3.99 -8.67
C SER B 54 36.76 -2.51 -8.31
N ASP B 55 35.66 -1.76 -8.45
CA ASP B 55 35.60 -0.38 -8.01
C ASP B 55 35.80 -0.25 -6.50
N ILE B 56 35.42 0.89 -5.93
CA ILE B 56 35.40 1.08 -4.48
C ILE B 56 33.97 1.39 -4.09
N TRP B 57 33.39 0.56 -3.22
CA TRP B 57 32.06 0.83 -2.68
C TRP B 57 32.14 2.01 -1.70
N ASN B 58 31.19 2.93 -1.80
CA ASN B 58 31.14 4.08 -0.89
C ASN B 58 30.13 3.79 0.22
N ALA B 59 30.63 3.28 1.35
CA ALA B 59 29.80 3.03 2.52
C ALA B 59 29.61 4.35 3.28
N THR B 60 28.90 5.27 2.63
CA THR B 60 28.79 6.63 3.14
C THR B 60 27.36 7.07 3.40
N LYS B 61 26.37 6.26 3.02
CA LYS B 61 24.99 6.51 3.40
C LYS B 61 24.38 5.20 3.86
N TYR B 62 23.42 5.28 4.80
CA TYR B 62 22.61 4.12 5.15
C TYR B 62 21.90 3.60 3.91
N ALA B 63 21.79 2.27 3.82
CA ALA B 63 21.28 1.62 2.62
C ALA B 63 19.76 1.48 2.68
N ASN B 64 19.19 0.83 1.65
CA ASN B 64 17.77 0.52 1.63
C ASN B 64 17.38 -0.36 2.81
N SER B 65 16.25 -0.05 3.41
CA SER B 65 15.65 -0.94 4.39
C SER B 65 14.84 -2.02 3.67
N CYS B 66 14.73 -3.19 4.28
CA CYS B 66 14.01 -4.30 3.66
C CYS B 66 12.51 -4.01 3.60
N CSO B 67 11.86 -4.51 2.55
CA CSO B 67 10.41 -4.42 2.41
CB CSO B 67 9.92 -5.36 1.29
SG CSO B 67 10.61 -5.00 -0.29
C CSO B 67 9.69 -4.75 3.71
O CSO B 67 9.99 -5.76 4.32
OD CSO B 67 10.16 -3.29 -0.56
N GLN B 68 8.73 -3.91 4.08
CA GLN B 68 7.96 -4.14 5.29
C GLN B 68 6.77 -3.22 5.32
N ASN B 69 5.69 -3.69 5.96
CA ASN B 69 4.57 -2.84 6.29
C ASN B 69 4.98 -1.78 7.31
N ILE B 70 4.32 -0.62 7.25
CA ILE B 70 4.67 0.56 8.04
C ILE B 70 3.56 0.82 9.05
N ASP B 71 3.94 1.13 10.29
CA ASP B 71 2.95 1.47 11.30
C ASP B 71 2.45 2.87 11.02
N GLN B 72 1.17 2.97 10.66
CA GLN B 72 0.60 4.29 10.38
C GLN B 72 -0.66 4.48 11.20
N SER B 73 -0.72 3.81 12.36
CA SER B 73 -1.83 3.95 13.29
C SER B 73 -1.97 5.39 13.79
N PHE B 74 -0.86 6.12 13.92
CA PHE B 74 -0.84 7.45 14.56
C PHE B 74 -0.06 8.40 13.67
N PRO B 75 -0.67 8.87 12.57
CA PRO B 75 0.04 9.77 11.65
C PRO B 75 0.49 11.03 12.36
N GLY B 76 1.77 11.36 12.21
CA GLY B 76 2.36 12.50 12.87
C GLY B 76 3.00 12.21 14.21
N PHE B 77 2.70 11.07 14.83
CA PHE B 77 3.12 10.80 16.20
C PHE B 77 4.53 10.22 16.25
N HIS B 78 5.40 10.84 17.07
CA HIS B 78 6.79 10.39 17.15
C HIS B 78 6.93 9.00 17.76
N GLY B 79 6.09 8.68 18.75
CA GLY B 79 6.27 7.44 19.50
C GLY B 79 6.10 6.19 18.64
N SER B 80 5.38 6.32 17.52
CA SER B 80 5.21 5.26 16.55
C SER B 80 6.06 5.46 15.30
N GLU B 81 6.22 6.69 14.85
CA GLU B 81 6.96 6.87 13.61
C GLU B 81 8.46 6.74 13.81
N MET B 82 8.95 6.84 15.06
CA MET B 82 10.38 6.65 15.29
C MET B 82 10.82 5.23 15.04
N TRP B 83 9.88 4.29 14.87
CA TRP B 83 10.22 2.91 14.61
C TRP B 83 10.13 2.58 13.13
N ASN B 84 9.50 3.42 12.33
CA ASN B 84 9.30 3.17 10.91
C ASN B 84 10.63 3.36 10.16
N PRO B 85 10.79 2.69 9.02
CA PRO B 85 12.07 2.79 8.29
C PRO B 85 12.37 4.22 7.87
N ASN B 86 13.66 4.58 7.88
CA ASN B 86 14.11 5.91 7.54
C ASN B 86 15.06 5.91 6.34
N THR B 87 15.06 4.84 5.56
CA THR B 87 15.61 4.85 4.22
C THR B 87 14.59 4.19 3.30
N ASP B 88 14.87 4.20 2.00
CA ASP B 88 13.88 3.68 1.05
C ASP B 88 13.71 2.17 1.22
N LEU B 89 12.49 1.70 0.99
CA LEU B 89 12.22 0.28 1.03
C LEU B 89 12.58 -0.36 -0.30
N SER B 90 13.03 -1.61 -0.25
CA SER B 90 13.56 -2.29 -1.41
C SER B 90 13.91 -3.72 -1.02
N GLU B 91 13.70 -4.68 -1.94
CA GLU B 91 14.20 -6.02 -1.72
C GLU B 91 15.74 -6.06 -1.71
N ASP B 92 16.38 -5.07 -2.32
CA ASP B 92 17.84 -4.91 -2.32
C ASP B 92 18.22 -4.29 -0.97
N CYS B 93 18.42 -5.12 0.05
CA CYS B 93 18.55 -4.53 1.37
C CYS B 93 19.59 -5.18 2.26
N LEU B 94 20.31 -6.22 1.80
CA LEU B 94 21.29 -6.93 2.63
C LEU B 94 22.58 -6.10 2.69
N TYR B 95 22.56 -5.13 3.60
CA TYR B 95 23.70 -4.26 3.89
C TYR B 95 23.91 -4.25 5.40
N LEU B 96 25.15 -3.97 5.82
CA LEU B 96 25.45 -3.79 7.23
C LEU B 96 26.23 -2.48 7.41
N ASN B 97 26.38 -2.08 8.69
CA ASN B 97 27.03 -0.85 9.09
C ASN B 97 28.14 -1.15 10.11
N VAL B 98 29.22 -0.36 10.05
CA VAL B 98 30.38 -0.56 10.91
C VAL B 98 30.82 0.79 11.49
N TRP B 99 30.95 0.86 12.81
CA TRP B 99 31.43 2.06 13.49
C TRP B 99 32.71 1.73 14.27
N ILE B 100 33.72 2.57 14.12
CA ILE B 100 35.09 2.24 14.59
C ILE B 100 35.68 3.41 15.36
N PRO B 101 36.28 3.17 16.53
CA PRO B 101 36.87 4.28 17.28
C PRO B 101 38.01 4.92 16.50
N ALA B 102 38.26 6.19 16.80
CA ALA B 102 39.43 6.90 16.31
C ALA B 102 40.26 7.37 17.50
N PRO B 103 41.58 7.10 17.48
CA PRO B 103 42.27 6.43 16.37
C PRO B 103 42.01 4.92 16.29
N LYS B 104 42.28 4.37 15.11
CA LYS B 104 41.97 2.99 14.78
C LYS B 104 42.47 2.03 15.86
N PRO B 105 41.64 1.14 16.36
CA PRO B 105 42.09 0.18 17.35
C PRO B 105 42.77 -0.98 16.62
N LYS B 106 43.33 -1.91 17.40
CA LYS B 106 44.03 -3.03 16.80
C LYS B 106 43.46 -4.38 17.19
N ASN B 107 42.64 -4.44 18.23
CA ASN B 107 41.90 -5.66 18.54
C ASN B 107 40.68 -5.33 19.39
N ALA B 108 39.85 -4.42 18.89
CA ALA B 108 38.68 -4.01 19.64
C ALA B 108 37.62 -5.10 19.65
N THR B 109 37.03 -5.34 20.83
CA THR B 109 35.82 -6.15 20.90
C THR B 109 34.73 -5.56 20.00
N VAL B 110 33.98 -6.46 19.33
CA VAL B 110 32.90 -6.08 18.43
C VAL B 110 31.54 -6.40 19.07
N LEU B 111 30.63 -5.42 19.02
CA LEU B 111 29.23 -5.60 19.42
C LEU B 111 28.37 -5.57 18.15
N ILE B 112 27.60 -6.64 17.93
CA ILE B 112 26.77 -6.79 16.75
C ILE B 112 25.29 -6.69 17.15
N TRP B 113 24.62 -5.65 16.65
CA TRP B 113 23.22 -5.39 16.97
C TRP B 113 22.28 -6.08 15.97
N ILE B 114 21.25 -6.75 16.50
CA ILE B 114 20.18 -7.34 15.70
C ILE B 114 18.88 -6.69 16.16
N TYR B 115 18.29 -5.88 15.29
CA TYR B 115 17.08 -5.16 15.66
C TYR B 115 15.88 -6.09 15.73
N GLY B 116 14.84 -5.59 16.42
CA GLY B 116 13.56 -6.26 16.51
C GLY B 116 12.52 -5.56 15.67
N GLY B 117 11.27 -5.98 15.86
CA GLY B 117 10.19 -5.54 15.01
C GLY B 117 9.25 -6.67 14.68
N GLY B 118 9.17 -7.65 15.58
CA GLY B 118 8.24 -8.75 15.43
C GLY B 118 8.51 -9.65 14.25
N PHE B 119 9.75 -9.66 13.75
CA PHE B 119 10.15 -10.36 12.53
C PHE B 119 9.44 -9.83 11.29
N GLN B 120 8.55 -8.85 11.44
CA GLN B 120 7.78 -8.28 10.34
C GLN B 120 8.28 -6.91 9.91
N THR B 121 9.05 -6.23 10.76
CA THR B 121 9.45 -4.84 10.58
C THR B 121 10.88 -4.65 11.07
N GLY B 122 11.38 -3.43 10.97
CA GLY B 122 12.66 -3.08 11.54
C GLY B 122 13.73 -2.71 10.53
N THR B 123 14.76 -2.00 10.98
CA THR B 123 15.89 -1.66 10.12
C THR B 123 17.02 -1.16 11.01
N SER B 124 18.25 -1.41 10.56
CA SER B 124 19.43 -1.13 11.37
C SER B 124 19.78 0.35 11.42
N SER B 125 19.12 1.18 10.65
CA SER B 125 19.51 2.57 10.50
C SER B 125 18.65 3.52 11.30
N LEU B 126 17.85 2.99 12.24
CA LEU B 126 17.10 3.84 13.14
C LEU B 126 18.04 4.67 14.01
N HIS B 127 17.59 5.87 14.36
CA HIS B 127 18.37 6.75 15.24
C HIS B 127 18.72 6.08 16.56
N VAL B 128 17.83 5.24 17.11
CA VAL B 128 18.06 4.70 18.45
C VAL B 128 19.07 3.56 18.40
N TYR B 129 19.52 3.20 17.20
CA TYR B 129 20.55 2.18 17.01
C TYR B 129 21.86 2.78 16.47
N ASP B 130 22.09 4.07 16.67
CA ASP B 130 23.30 4.73 16.19
C ASP B 130 24.48 4.29 17.06
N GLY B 131 25.39 3.50 16.48
CA GLY B 131 26.51 2.93 17.19
C GLY B 131 27.70 3.84 17.40
N LYS B 132 27.60 5.12 17.02
CA LYS B 132 28.75 6.01 17.10
C LYS B 132 29.08 6.38 18.55
N PHE B 133 28.06 6.49 19.42
CA PHE B 133 28.38 6.80 20.80
C PHE B 133 29.08 5.63 21.49
N LEU B 134 28.71 4.39 21.13
CA LEU B 134 29.34 3.25 21.79
C LEU B 134 30.81 3.15 21.41
N ALA B 135 31.12 3.38 20.13
CA ALA B 135 32.49 3.33 19.68
C ALA B 135 33.31 4.44 20.34
N ARG B 136 32.76 5.67 20.39
CA ARG B 136 33.46 6.80 20.98
C ARG B 136 33.80 6.57 22.45
N VAL B 137 32.82 6.16 23.25
CA VAL B 137 32.94 6.20 24.70
C VAL B 137 33.60 4.96 25.29
N GLU B 138 33.51 3.81 24.60
CA GLU B 138 34.05 2.56 25.12
C GLU B 138 35.03 1.88 24.18
N ARG B 139 35.29 2.48 23.01
CA ARG B 139 36.31 2.01 22.07
C ARG B 139 36.00 0.59 21.55
N VAL B 140 34.73 0.25 21.44
CA VAL B 140 34.29 -0.98 20.80
C VAL B 140 33.97 -0.67 19.34
N ILE B 141 34.03 -1.70 18.51
CA ILE B 141 33.49 -1.65 17.16
C ILE B 141 32.04 -2.11 17.22
N VAL B 142 31.13 -1.31 16.66
CA VAL B 142 29.70 -1.62 16.63
C VAL B 142 29.30 -1.98 15.19
N VAL B 143 28.56 -3.07 15.03
CA VAL B 143 28.06 -3.52 13.73
C VAL B 143 26.56 -3.79 13.81
N SER B 144 25.83 -3.45 12.74
CA SER B 144 24.42 -3.76 12.65
C SER B 144 24.08 -4.11 11.20
N MET B 145 23.11 -5.00 11.01
CA MET B 145 22.78 -5.48 9.67
C MET B 145 21.28 -5.40 9.41
N ASN B 146 20.93 -5.19 8.14
CA ASN B 146 19.55 -5.39 7.68
C ASN B 146 19.33 -6.87 7.33
N TYR B 147 18.21 -7.43 7.78
CA TYR B 147 17.85 -8.81 7.47
C TYR B 147 16.39 -8.84 7.04
N ARG B 148 16.02 -9.81 6.20
CA ARG B 148 14.68 -9.81 5.60
C ARG B 148 13.59 -10.15 6.63
N VAL B 149 12.44 -9.47 6.51
CA VAL B 149 11.35 -9.60 7.47
C VAL B 149 10.06 -9.96 6.74
N GLY B 150 9.06 -10.34 7.52
CA GLY B 150 7.79 -10.78 6.97
C GLY B 150 7.95 -12.04 6.15
N ALA B 151 7.05 -12.20 5.17
CA ALA B 151 7.07 -13.40 4.31
C ALA B 151 8.29 -13.41 3.41
N LEU B 152 8.81 -12.26 3.03
CA LEU B 152 10.04 -12.26 2.25
C LEU B 152 11.21 -12.79 3.03
N GLY B 153 11.13 -12.83 4.36
CA GLY B 153 12.25 -13.33 5.14
C GLY B 153 12.01 -14.66 5.81
N PHE B 154 10.74 -15.05 5.99
CA PHE B 154 10.42 -16.21 6.81
C PHE B 154 9.32 -17.09 6.23
N LEU B 155 8.87 -16.83 4.99
CA LEU B 155 7.99 -17.77 4.30
C LEU B 155 8.62 -19.16 4.28
N ALA B 156 7.85 -20.16 4.67
CA ALA B 156 8.41 -21.49 4.87
C ALA B 156 7.60 -22.55 4.14
N LEU B 157 8.27 -23.32 3.29
CA LEU B 157 7.80 -24.64 2.85
C LEU B 157 8.90 -25.62 3.21
N PRO B 158 8.81 -26.30 4.34
CA PRO B 158 9.96 -27.02 4.92
C PRO B 158 10.51 -28.09 3.99
N GLY B 159 11.82 -28.04 3.76
CA GLY B 159 12.50 -28.97 2.89
C GLY B 159 12.83 -28.44 1.50
N ASN B 160 12.22 -27.31 1.12
CA ASN B 160 12.33 -26.83 -0.24
C ASN B 160 13.33 -25.69 -0.30
N PRO B 161 14.51 -25.88 -0.90
CA PRO B 161 15.50 -24.79 -0.97
C PRO B 161 14.99 -23.55 -1.69
N GLU B 162 13.81 -23.60 -2.31
CA GLU B 162 13.27 -22.42 -2.96
C GLU B 162 12.63 -21.46 -1.98
N ALA B 163 12.10 -21.97 -0.87
CA ALA B 163 11.48 -21.20 0.21
C ALA B 163 11.55 -22.04 1.48
N PRO B 164 12.75 -22.14 2.08
CA PRO B 164 12.94 -23.11 3.17
C PRO B 164 12.51 -22.62 4.54
N GLY B 165 12.32 -21.30 4.74
CA GLY B 165 12.11 -20.74 6.06
C GLY B 165 13.40 -20.11 6.62
N ASN B 166 13.21 -19.33 7.69
CA ASN B 166 14.32 -18.75 8.46
C ASN B 166 15.31 -17.97 7.59
N MET B 167 14.91 -17.54 6.39
CA MET B 167 15.87 -16.88 5.52
C MET B 167 16.43 -15.62 6.18
N GLY B 168 15.61 -14.91 6.96
CA GLY B 168 16.09 -13.72 7.64
C GLY B 168 17.11 -14.04 8.73
N LEU B 169 16.99 -15.22 9.35
CA LEU B 169 18.00 -15.68 10.29
C LEU B 169 19.33 -15.99 9.58
N PHE B 170 19.27 -16.60 8.39
CA PHE B 170 20.48 -16.79 7.61
C PHE B 170 21.10 -15.48 7.13
N ASP B 171 20.27 -14.48 6.78
CA ASP B 171 20.80 -13.13 6.51
C ASP B 171 21.70 -12.67 7.67
N GLN B 172 21.13 -12.62 8.88
CA GLN B 172 21.92 -12.29 10.07
C GLN B 172 23.19 -13.14 10.15
N GLN B 173 23.08 -14.43 9.83
CA GLN B 173 24.23 -15.32 9.95
C GLN B 173 25.29 -14.98 8.91
N LEU B 174 24.86 -14.64 7.68
CA LEU B 174 25.83 -14.21 6.69
C LEU B 174 26.51 -12.92 7.09
N ALA B 175 25.79 -12.01 7.77
CA ALA B 175 26.43 -10.81 8.28
C ALA B 175 27.45 -11.15 9.36
N LEU B 176 27.17 -12.13 10.21
CA LEU B 176 28.14 -12.48 11.24
C LEU B 176 29.36 -13.16 10.63
N GLN B 177 29.15 -13.89 9.54
CA GLN B 177 30.28 -14.44 8.78
C GLN B 177 31.12 -13.32 8.18
N TRP B 178 30.48 -12.31 7.59
CA TRP B 178 31.21 -11.14 7.09
C TRP B 178 32.16 -10.59 8.15
N VAL B 179 31.69 -10.47 9.39
CA VAL B 179 32.51 -9.93 10.48
C VAL B 179 33.71 -10.84 10.74
N GLN B 180 33.53 -12.15 10.62
CA GLN B 180 34.62 -13.09 10.90
C GLN B 180 35.73 -12.95 9.86
N LYS B 181 35.36 -12.72 8.61
CA LYS B 181 36.32 -12.63 7.53
C LYS B 181 36.80 -11.22 7.23
N ASN B 182 36.22 -10.18 7.86
CA ASN B 182 36.57 -8.81 7.52
C ASN B 182 36.86 -7.88 8.69
N ILE B 183 36.47 -8.21 9.93
CA ILE B 183 36.55 -7.19 10.97
C ILE B 183 38.00 -6.88 11.35
N ALA B 184 38.92 -7.82 11.09
CA ALA B 184 40.33 -7.57 11.37
C ALA B 184 40.88 -6.44 10.50
N ALA B 185 40.52 -6.44 9.21
CA ALA B 185 40.89 -5.34 8.32
C ALA B 185 40.43 -3.99 8.84
N PHE B 186 39.51 -3.96 9.80
CA PHE B 186 38.97 -2.72 10.36
C PHE B 186 39.56 -2.41 11.73
N GLY B 187 40.29 -3.34 12.33
CA GLY B 187 40.81 -3.16 13.66
C GLY B 187 40.06 -3.90 14.74
N GLY B 188 39.22 -4.88 14.37
CA GLY B 188 38.43 -5.61 15.33
C GLY B 188 38.87 -7.06 15.52
N ASN B 189 38.47 -7.64 16.65
CA ASN B 189 38.85 -8.98 17.08
C ASN B 189 37.75 -9.98 16.78
N PRO B 190 37.84 -10.78 15.70
CA PRO B 190 36.79 -11.77 15.44
C PRO B 190 36.63 -12.80 16.54
N LYS B 191 37.57 -12.89 17.48
CA LYS B 191 37.47 -13.81 18.60
C LYS B 191 36.87 -13.17 19.84
N SER B 192 36.48 -11.89 19.77
CA SER B 192 35.75 -11.22 20.86
C SER B 192 34.59 -10.46 20.22
N VAL B 193 33.50 -11.17 19.93
CA VAL B 193 32.31 -10.57 19.35
C VAL B 193 31.10 -10.98 20.17
N THR B 194 30.28 -10.00 20.55
CA THR B 194 29.10 -10.17 21.38
C THR B 194 27.87 -9.73 20.60
N LEU B 195 26.88 -10.61 20.48
CA LEU B 195 25.60 -10.29 19.85
C LEU B 195 24.68 -9.61 20.85
N PHE B 196 24.04 -8.52 20.44
CA PHE B 196 22.96 -7.97 21.26
C PHE B 196 21.79 -7.55 20.39
N GLY B 197 20.60 -7.63 20.99
CA GLY B 197 19.36 -7.42 20.27
C GLY B 197 18.20 -7.26 21.22
N GLU B 198 17.11 -6.75 20.68
CA GLU B 198 15.94 -6.46 21.47
C GLU B 198 14.69 -7.03 20.79
N SER B 199 13.83 -7.64 21.60
CA SER B 199 12.52 -8.14 21.14
C SER B 199 12.78 -9.27 20.15
N ALA B 200 12.32 -9.17 18.90
CA ALA B 200 12.68 -10.25 17.96
C ALA B 200 14.18 -10.29 17.72
N GLY B 201 14.87 -9.16 17.92
CA GLY B 201 16.33 -9.19 17.87
C GLY B 201 16.93 -10.03 18.98
N ALA B 202 16.43 -9.89 20.20
CA ALA B 202 16.82 -10.76 21.30
C ALA B 202 16.47 -12.22 21.00
N ALA B 203 15.22 -12.49 20.57
CA ALA B 203 14.84 -13.86 20.21
C ALA B 203 15.77 -14.40 19.14
N SER B 204 16.15 -13.55 18.18
CA SER B 204 17.10 -13.96 17.16
C SER B 204 18.43 -14.36 17.80
N VAL B 205 18.94 -13.50 18.70
CA VAL B 205 20.22 -13.75 19.37
C VAL B 205 20.20 -15.10 20.07
N SER B 206 19.13 -15.40 20.82
CA SER B 206 19.03 -16.69 21.53
C SER B 206 18.94 -17.87 20.55
N LEU B 207 18.36 -17.67 19.37
CA LEU B 207 18.36 -18.74 18.37
C LEU B 207 19.75 -18.95 17.78
N HIS B 208 20.58 -17.91 17.76
CA HIS B 208 21.98 -18.12 17.37
C HIS B 208 22.73 -18.95 18.41
N LEU B 209 22.35 -18.87 19.69
CA LEU B 209 22.91 -19.77 20.68
C LEU B 209 22.67 -21.24 20.31
N LEU B 210 21.50 -21.55 19.75
CA LEU B 210 21.16 -22.95 19.47
C LEU B 210 21.72 -23.45 18.15
N SER B 211 21.78 -22.61 17.13
CA SER B 211 22.07 -23.11 15.79
C SER B 211 23.55 -23.42 15.67
N PRO B 212 23.93 -24.67 15.38
CA PRO B 212 25.37 -24.99 15.27
C PRO B 212 26.09 -24.18 14.20
N GLY B 213 25.43 -23.87 13.08
CA GLY B 213 26.08 -23.09 12.05
C GLY B 213 26.54 -21.73 12.52
N SER B 214 25.96 -21.21 13.61
CA SER B 214 26.34 -19.91 14.15
C SER B 214 27.35 -20.00 15.29
N HIS B 215 27.62 -21.20 15.80
CA HIS B 215 28.41 -21.41 17.01
C HIS B 215 29.74 -20.65 16.98
N SER B 216 30.50 -20.79 15.90
CA SER B 216 31.83 -20.20 15.81
C SER B 216 31.84 -18.73 15.42
N LEU B 217 30.68 -18.12 15.20
CA LEU B 217 30.61 -16.78 14.62
C LEU B 217 30.51 -15.67 15.65
N PHE B 218 30.42 -15.99 16.94
CA PHE B 218 30.36 -14.98 17.99
C PHE B 218 30.85 -15.59 19.31
N THR B 219 30.97 -14.76 20.34
CA THR B 219 31.46 -15.18 21.65
C THR B 219 30.36 -15.23 22.71
N ARG B 220 29.76 -14.08 23.02
CA ARG B 220 28.76 -13.92 24.08
C ARG B 220 27.49 -13.29 23.50
N ALA B 221 26.44 -13.28 24.33
CA ALA B 221 25.11 -12.87 23.89
C ALA B 221 24.43 -11.98 24.93
N ILE B 222 23.73 -10.95 24.44
CA ILE B 222 22.91 -10.06 25.25
C ILE B 222 21.48 -10.06 24.71
N LEU B 223 20.50 -10.33 25.57
CA LEU B 223 19.10 -10.53 25.17
C LEU B 223 18.20 -9.53 25.88
N GLN B 224 17.84 -8.45 25.19
CA GLN B 224 16.98 -7.40 25.74
C GLN B 224 15.52 -7.70 25.39
N SER B 225 14.68 -7.94 26.41
CA SER B 225 13.22 -8.04 26.22
C SER B 225 12.82 -9.04 25.13
N GLY B 226 13.41 -10.24 25.17
CA GLY B 226 13.04 -11.29 24.24
C GLY B 226 13.81 -12.57 24.34
N SER B 227 13.17 -13.69 24.00
CA SER B 227 13.86 -14.97 23.89
C SER B 227 12.96 -15.93 23.11
N PHE B 228 13.59 -16.98 22.56
CA PHE B 228 12.95 -17.86 21.60
C PHE B 228 11.82 -18.67 22.18
N ASN B 229 11.81 -18.85 23.50
CA ASN B 229 10.76 -19.58 24.19
C ASN B 229 9.54 -18.70 24.48
N ALA B 230 9.56 -17.45 24.03
CA ALA B 230 8.40 -16.60 24.22
C ALA B 230 7.31 -17.08 23.27
N PRO B 231 6.03 -16.89 23.64
CA PRO B 231 4.97 -17.55 22.86
C PRO B 231 4.87 -17.04 21.42
N TRP B 232 5.32 -15.83 21.15
CA TRP B 232 5.24 -15.22 19.83
C TRP B 232 6.44 -15.54 18.95
N ALA B 233 7.44 -16.25 19.46
CA ALA B 233 8.77 -16.27 18.83
C ALA B 233 8.93 -17.34 17.76
N VAL B 234 8.26 -18.50 17.86
CA VAL B 234 8.49 -19.60 16.91
C VAL B 234 7.15 -20.10 16.37
N THR B 235 7.07 -20.22 15.05
CA THR B 235 5.89 -20.78 14.39
C THR B 235 6.07 -22.28 14.19
N SER B 236 5.04 -23.05 14.50
CA SER B 236 5.07 -24.48 14.21
C SER B 236 5.07 -24.72 12.71
N LEU B 237 5.69 -25.83 12.30
CA LEU B 237 5.62 -26.23 10.90
C LEU B 237 4.18 -26.36 10.43
N TYR B 238 3.30 -26.82 11.31
CA TYR B 238 1.87 -26.83 11.03
C TYR B 238 1.36 -25.43 10.67
N GLU B 239 1.47 -24.48 11.61
CA GLU B 239 1.00 -23.11 11.37
C GLU B 239 1.69 -22.48 10.15
N ALA B 240 2.97 -22.77 9.93
CA ALA B 240 3.68 -22.11 8.84
C ALA B 240 3.18 -22.59 7.48
N ARG B 241 2.82 -23.87 7.38
CA ARG B 241 2.28 -24.37 6.11
C ARG B 241 0.88 -23.83 5.89
N ASN B 242 0.08 -23.70 6.95
CA ASN B 242 -1.24 -23.11 6.81
C ASN B 242 -1.14 -21.67 6.34
N ARG B 243 -0.16 -20.94 6.86
CA ARG B 243 -0.01 -19.54 6.48
C ARG B 243 0.56 -19.37 5.08
N THR B 244 1.54 -20.21 4.69
CA THR B 244 2.02 -20.17 3.32
C THR B 244 0.89 -20.45 2.34
N LEU B 245 0.05 -21.44 2.62
CA LEU B 245 -1.05 -21.74 1.72
C LEU B 245 -2.08 -20.61 1.69
N ASN B 246 -2.29 -19.95 2.83
CA ASN B 246 -3.23 -18.82 2.85
C ASN B 246 -2.71 -17.65 2.02
N LEU B 247 -1.41 -17.34 2.11
CA LEU B 247 -0.84 -16.27 1.31
C LEU B 247 -0.95 -16.59 -0.18
N ALA B 248 -0.79 -17.87 -0.53
CA ALA B 248 -1.00 -18.31 -1.91
C ALA B 248 -2.41 -18.02 -2.38
N LYS B 249 -3.41 -18.34 -1.55
CA LYS B 249 -4.80 -18.03 -1.93
C LYS B 249 -5.00 -16.53 -2.08
N LEU B 250 -4.58 -15.75 -1.07
CA LEU B 250 -4.82 -14.31 -1.07
C LEU B 250 -4.14 -13.59 -2.23
N THR B 251 -3.10 -14.17 -2.83
CA THR B 251 -2.40 -13.53 -3.92
C THR B 251 -2.74 -14.11 -5.29
N GLY B 252 -3.63 -15.10 -5.35
CA GLY B 252 -3.89 -15.76 -6.60
C GLY B 252 -2.87 -16.78 -6.99
N CYS B 253 -2.12 -17.32 -6.02
CA CYS B 253 -0.97 -18.17 -6.32
C CYS B 253 -1.16 -19.61 -5.85
N SER B 254 -2.38 -20.02 -5.48
CA SER B 254 -2.63 -21.42 -5.19
C SER B 254 -2.33 -22.27 -6.42
N ARG B 255 -1.37 -23.17 -6.29
CA ARG B 255 -1.07 -24.15 -7.31
C ARG B 255 -1.27 -25.54 -6.71
N GLU B 256 -1.07 -26.55 -7.53
CA GLU B 256 -1.11 -27.93 -7.07
C GLU B 256 0.24 -28.40 -6.55
N ASN B 257 1.28 -27.59 -6.72
CA ASN B 257 2.66 -27.97 -6.51
C ASN B 257 3.35 -26.87 -5.72
N GLU B 258 4.23 -27.24 -4.79
CA GLU B 258 4.97 -26.23 -4.01
C GLU B 258 5.74 -25.29 -4.92
N THR B 259 6.53 -25.85 -5.82
CA THR B 259 7.45 -25.05 -6.60
C THR B 259 6.72 -24.13 -7.58
N GLU B 260 5.50 -24.45 -7.98
CA GLU B 260 4.74 -23.52 -8.78
C GLU B 260 4.13 -22.41 -7.91
N ILE B 261 3.77 -22.72 -6.66
CA ILE B 261 3.31 -21.69 -5.72
C ILE B 261 4.37 -20.62 -5.54
N ILE B 262 5.63 -21.02 -5.41
CA ILE B 262 6.69 -20.04 -5.18
C ILE B 262 7.08 -19.35 -6.48
N LYS B 263 7.01 -20.07 -7.60
CA LYS B 263 7.20 -19.44 -8.90
C LYS B 263 6.17 -18.32 -9.12
N CYS B 264 4.91 -18.59 -8.78
CA CYS B 264 3.88 -17.57 -8.83
C CYS B 264 4.17 -16.45 -7.84
N LEU B 265 4.50 -16.81 -6.58
CA LEU B 265 4.77 -15.79 -5.57
C LEU B 265 5.96 -14.91 -5.94
N ARG B 266 6.95 -15.47 -6.63
CA ARG B 266 8.10 -14.70 -7.08
C ARG B 266 7.75 -13.68 -8.15
N ASN B 267 6.55 -13.75 -8.73
CA ASN B 267 6.09 -12.80 -9.74
C ASN B 267 5.20 -11.70 -9.18
N LYS B 268 4.77 -11.81 -7.94
CA LYS B 268 3.92 -10.79 -7.35
C LYS B 268 4.73 -9.53 -7.06
N ASP B 269 4.09 -8.38 -7.25
CA ASP B 269 4.63 -7.14 -6.73
C ASP B 269 4.85 -7.27 -5.24
N PRO B 270 6.01 -6.83 -4.72
CA PRO B 270 6.25 -6.90 -3.26
C PRO B 270 5.12 -6.35 -2.42
N GLN B 271 4.43 -5.29 -2.87
CA GLN B 271 3.33 -4.79 -2.07
C GLN B 271 2.14 -5.73 -2.04
N GLU B 272 2.03 -6.66 -3.00
CA GLU B 272 0.96 -7.65 -2.97
C GLU B 272 1.30 -8.82 -2.06
N ILE B 273 2.58 -9.01 -1.76
CA ILE B 273 2.95 -9.88 -0.66
C ILE B 273 2.75 -9.16 0.67
N LEU B 274 3.35 -7.97 0.80
CA LEU B 274 3.26 -7.18 2.02
C LEU B 274 1.81 -7.03 2.49
N LEU B 275 0.93 -6.55 1.59
CA LEU B 275 -0.38 -6.15 2.03
C LEU B 275 -1.33 -7.32 2.27
N ASN B 276 -0.88 -8.56 2.06
CA ASN B 276 -1.68 -9.73 2.40
C ASN B 276 -1.19 -10.47 3.65
N GLU B 277 0.02 -10.17 4.14
CA GLU B 277 0.54 -10.89 5.29
C GLU B 277 -0.38 -10.81 6.50
N ALA B 278 -1.18 -9.75 6.63
CA ALA B 278 -2.10 -9.56 7.76
C ALA B 278 -3.23 -10.59 7.81
N PHE B 279 -3.66 -11.13 6.67
CA PHE B 279 -4.83 -12.02 6.61
C PHE B 279 -4.47 -13.51 6.66
N VAL B 280 -3.18 -13.87 6.73
CA VAL B 280 -2.88 -15.29 6.74
C VAL B 280 -3.27 -15.96 8.05
N VAL B 281 -3.46 -15.20 9.12
CA VAL B 281 -3.90 -15.72 10.41
C VAL B 281 -5.37 -15.35 10.61
N PRO B 282 -6.25 -16.31 10.89
CA PRO B 282 -7.66 -15.94 11.15
C PRO B 282 -7.86 -15.12 12.42
N TYR B 283 -7.25 -15.52 13.53
CA TYR B 283 -7.44 -14.84 14.82
C TYR B 283 -6.11 -14.30 15.32
N GLY B 284 -5.62 -13.24 14.71
CA GLY B 284 -4.43 -12.61 15.19
C GLY B 284 -4.68 -11.83 16.48
N THR B 285 -3.59 -11.32 17.05
CA THR B 285 -3.59 -10.44 18.22
C THR B 285 -2.53 -9.37 17.98
N PRO B 286 -2.47 -8.29 18.77
CA PRO B 286 -1.44 -7.26 18.52
C PRO B 286 -0.02 -7.78 18.62
N LEU B 287 0.17 -9.02 19.08
CA LEU B 287 1.49 -9.66 19.13
C LEU B 287 1.67 -10.71 18.04
N SER B 288 0.81 -10.71 17.02
CA SER B 288 0.88 -11.73 15.98
C SER B 288 2.15 -11.59 15.16
N VAL B 289 2.76 -12.73 14.91
CA VAL B 289 3.96 -12.84 14.10
C VAL B 289 3.55 -13.71 12.91
N ASN B 290 3.04 -13.06 11.87
CA ASN B 290 2.55 -13.74 10.68
C ASN B 290 3.55 -14.76 10.15
N PHE B 291 4.79 -14.32 9.95
CA PHE B 291 5.87 -15.13 9.38
C PHE B 291 7.11 -14.97 10.25
N GLY B 292 7.41 -15.98 11.05
CA GLY B 292 8.57 -15.92 11.92
C GLY B 292 9.43 -17.16 11.82
N PRO B 293 10.35 -17.33 12.75
CA PRO B 293 11.21 -18.51 12.71
C PRO B 293 10.42 -19.80 12.77
N THR B 294 10.91 -20.82 12.07
CA THR B 294 10.35 -22.14 12.14
C THR B 294 11.45 -23.17 12.33
N VAL B 295 11.00 -24.39 12.58
CA VAL B 295 11.85 -25.56 12.65
C VAL B 295 12.12 -26.01 11.22
N ASP B 296 13.18 -25.48 10.61
CA ASP B 296 13.41 -25.69 9.20
C ASP B 296 14.24 -26.93 8.89
N GLY B 297 14.81 -27.57 9.90
CA GLY B 297 15.77 -28.64 9.66
C GLY B 297 17.10 -28.18 9.11
N ASP B 298 17.46 -26.92 9.30
CA ASP B 298 18.71 -26.36 8.77
C ASP B 298 19.25 -25.40 9.81
N PHE B 299 18.61 -24.22 9.95
CA PHE B 299 19.04 -23.31 11.02
C PHE B 299 18.73 -23.91 12.38
N LEU B 300 17.49 -24.37 12.58
CA LEU B 300 17.08 -25.14 13.75
C LEU B 300 16.91 -26.60 13.36
N THR B 301 17.86 -27.44 13.76
CA THR B 301 17.74 -28.85 13.44
C THR B 301 16.65 -29.53 14.26
N ASP B 302 16.21 -28.91 15.35
CA ASP B 302 15.09 -29.45 16.12
C ASP B 302 14.29 -28.28 16.70
N MET B 303 13.41 -28.59 17.64
CA MET B 303 12.54 -27.55 18.21
C MET B 303 13.21 -26.90 19.42
N PRO B 304 13.25 -25.56 19.51
CA PRO B 304 14.22 -24.91 20.42
C PRO B 304 14.16 -25.38 21.86
N ASP B 305 12.97 -25.74 22.37
CA ASP B 305 12.85 -26.08 23.77
C ASP B 305 13.54 -27.41 24.08
N ILE B 306 13.50 -28.36 23.15
CA ILE B 306 14.22 -29.60 23.32
C ILE B 306 15.72 -29.35 23.26
N LEU B 307 16.18 -28.57 22.29
CA LEU B 307 17.59 -28.18 22.24
C LEU B 307 18.02 -27.54 23.57
N LEU B 308 17.12 -26.80 24.22
CA LEU B 308 17.50 -26.14 25.46
C LEU B 308 17.49 -27.11 26.63
N GLU B 309 16.49 -28.00 26.69
CA GLU B 309 16.46 -28.98 27.77
C GLU B 309 17.65 -29.93 27.71
N LEU B 310 17.93 -30.46 26.52
CA LEU B 310 19.03 -31.40 26.31
C LEU B 310 20.42 -30.76 26.39
N GLY B 311 20.52 -29.42 26.43
CA GLY B 311 21.82 -28.79 26.51
C GLY B 311 22.61 -28.76 25.22
N GLN B 312 21.94 -28.85 24.08
CA GLN B 312 22.60 -28.81 22.78
C GLN B 312 22.61 -27.38 22.27
N PHE B 313 23.59 -26.62 22.76
CA PHE B 313 23.71 -25.22 22.38
C PHE B 313 25.09 -24.72 22.75
N LYS B 314 25.43 -23.57 22.19
CA LYS B 314 26.67 -22.91 22.51
C LYS B 314 26.73 -22.54 24.00
N LYS B 315 27.85 -22.88 24.65
CA LYS B 315 28.06 -22.67 26.08
C LYS B 315 28.87 -21.40 26.24
N THR B 316 28.31 -20.40 26.92
CA THR B 316 28.99 -19.11 27.01
C THR B 316 28.25 -18.26 28.04
N GLN B 317 28.71 -17.02 28.21
CA GLN B 317 28.07 -16.10 29.14
C GLN B 317 26.93 -15.36 28.44
N ILE B 318 25.86 -15.09 29.17
CA ILE B 318 24.71 -14.36 28.64
C ILE B 318 24.32 -13.24 29.59
N LEU B 319 23.76 -12.18 29.02
CA LEU B 319 23.18 -11.06 29.74
C LEU B 319 21.75 -10.87 29.25
N VAL B 320 20.78 -10.95 30.15
CA VAL B 320 19.36 -11.05 29.82
C VAL B 320 18.60 -10.08 30.71
N GLY B 321 17.57 -9.45 30.15
CA GLY B 321 16.76 -8.56 30.98
C GLY B 321 15.45 -8.19 30.31
N VAL B 322 14.64 -7.47 31.06
CA VAL B 322 13.30 -7.05 30.66
C VAL B 322 13.06 -5.67 31.24
N ASN B 323 12.03 -5.00 30.76
CA ASN B 323 11.61 -3.70 31.26
C ASN B 323 10.39 -3.87 32.15
N LYS B 324 9.99 -2.79 32.84
CA LYS B 324 8.97 -2.92 33.88
C LYS B 324 7.57 -3.07 33.29
N ASP B 325 7.29 -2.41 32.17
CA ASP B 325 5.94 -2.42 31.59
C ASP B 325 6.01 -2.83 30.12
N GLU B 326 6.54 -4.03 29.88
CA GLU B 326 6.63 -4.60 28.54
C GLU B 326 5.28 -4.61 27.84
N GLY B 327 4.20 -4.86 28.58
CA GLY B 327 2.91 -5.09 27.97
C GLY B 327 2.20 -3.87 27.42
N THR B 328 2.45 -2.67 27.97
CA THR B 328 1.51 -1.58 27.73
C THR B 328 1.49 -1.12 26.27
N ALA B 329 2.58 -1.29 25.53
CA ALA B 329 2.63 -0.79 24.16
C ALA B 329 1.57 -1.43 23.29
N PHE B 330 1.31 -2.71 23.52
CA PHE B 330 0.40 -3.48 22.67
C PHE B 330 -1.06 -3.23 23.03
N LEU B 331 -1.34 -2.70 24.24
CA LEU B 331 -2.72 -2.45 24.64
C LEU B 331 -3.42 -1.43 23.74
N VAL B 332 -2.70 -0.45 23.20
CA VAL B 332 -3.34 0.57 22.36
C VAL B 332 -3.41 0.16 20.90
N TYR B 333 -2.93 -1.05 20.55
CA TYR B 333 -3.06 -1.62 19.21
C TYR B 333 -4.15 -2.68 19.17
N GLY B 334 -5.24 -2.51 19.91
CA GLY B 334 -6.31 -3.47 19.81
C GLY B 334 -7.27 -3.57 20.98
N ALA B 335 -6.77 -3.40 22.22
CA ALA B 335 -7.60 -3.62 23.39
C ALA B 335 -8.62 -2.49 23.55
N PRO B 336 -9.86 -2.82 23.92
CA PRO B 336 -10.91 -1.79 23.99
C PRO B 336 -10.76 -0.96 25.25
N GLY B 337 -11.05 0.33 25.12
CA GLY B 337 -10.92 1.27 26.22
C GLY B 337 -9.56 1.92 26.35
N PHE B 338 -8.56 1.47 25.59
CA PHE B 338 -7.21 1.96 25.72
C PHE B 338 -6.93 2.97 24.63
N SER B 339 -6.22 4.02 24.99
CA SER B 339 -5.84 5.06 24.05
C SER B 339 -4.56 5.72 24.56
N LYS B 340 -3.73 6.19 23.63
CA LYS B 340 -2.59 6.99 24.01
C LYS B 340 -2.99 8.41 24.40
N ASP B 341 -4.22 8.82 24.09
CA ASP B 341 -4.72 10.17 24.30
C ASP B 341 -5.63 10.31 25.53
N ASN B 342 -5.74 9.29 26.37
CA ASN B 342 -6.47 9.40 27.64
C ASN B 342 -5.85 8.39 28.61
N ASN B 343 -6.36 8.38 29.85
CA ASN B 343 -5.73 7.58 30.89
C ASN B 343 -6.15 6.11 30.88
N SER B 344 -7.06 5.74 29.98
CA SER B 344 -7.34 4.34 29.64
C SER B 344 -7.82 3.54 30.86
N ILE B 345 -8.61 4.19 31.72
CA ILE B 345 -9.22 3.50 32.85
C ILE B 345 -10.27 2.54 32.32
N ILE B 346 -10.15 1.28 32.68
CA ILE B 346 -11.06 0.27 32.17
C ILE B 346 -11.72 -0.47 33.32
N THR B 347 -12.91 -1.00 33.03
CA THR B 347 -13.69 -1.80 33.96
C THR B 347 -13.32 -3.28 33.88
N ARG B 348 -13.92 -4.06 34.78
CA ARG B 348 -13.66 -5.50 34.79
C ARG B 348 -14.18 -6.15 33.52
N LYS B 349 -15.25 -5.60 32.93
CA LYS B 349 -15.76 -6.11 31.65
C LYS B 349 -14.77 -5.81 30.52
N GLU B 350 -14.34 -4.56 30.42
CA GLU B 350 -13.33 -4.22 29.43
C GLU B 350 -12.07 -5.06 29.61
N PHE B 351 -11.63 -5.26 30.86
CA PHE B 351 -10.54 -6.20 31.13
C PHE B 351 -10.83 -7.59 30.56
N GLN B 352 -12.06 -8.08 30.71
CA GLN B 352 -12.40 -9.38 30.13
C GLN B 352 -12.38 -9.33 28.61
N GLU B 353 -12.74 -8.19 28.02
CA GLU B 353 -12.68 -8.07 26.58
C GLU B 353 -11.23 -7.98 26.07
N GLY B 354 -10.36 -7.32 26.82
CA GLY B 354 -8.95 -7.30 26.47
C GLY B 354 -8.30 -8.67 26.56
N LEU B 355 -8.71 -9.49 27.53
CA LEU B 355 -8.19 -10.84 27.56
C LEU B 355 -8.63 -11.63 26.32
N LYS B 356 -9.82 -11.35 25.78
CA LYS B 356 -10.29 -12.05 24.58
C LYS B 356 -9.37 -11.75 23.40
N ILE B 357 -9.07 -10.46 23.20
CA ILE B 357 -8.23 -10.01 22.11
C ILE B 357 -6.83 -10.60 22.19
N PHE B 358 -6.28 -10.75 23.39
CA PHE B 358 -4.93 -11.28 23.53
C PHE B 358 -4.90 -12.80 23.63
N PHE B 359 -6.01 -13.44 24.02
CA PHE B 359 -6.07 -14.89 24.17
C PHE B 359 -7.31 -15.41 23.46
N PRO B 360 -7.33 -15.35 22.12
CA PRO B 360 -8.55 -15.73 21.38
C PRO B 360 -8.93 -17.20 21.53
N GLY B 361 -7.96 -18.10 21.62
CA GLY B 361 -8.36 -19.49 21.65
C GLY B 361 -8.54 -20.08 23.02
N VAL B 362 -8.53 -19.28 24.06
CA VAL B 362 -8.47 -19.78 25.42
C VAL B 362 -9.88 -20.02 25.93
N SER B 363 -10.08 -21.12 26.63
CA SER B 363 -11.38 -21.44 27.19
C SER B 363 -11.86 -20.35 28.14
N GLU B 364 -13.17 -20.30 28.34
CA GLU B 364 -13.73 -19.34 29.28
C GLU B 364 -13.19 -19.57 30.69
N PHE B 365 -12.85 -20.82 31.01
CA PHE B 365 -12.30 -21.15 32.31
C PHE B 365 -10.88 -20.61 32.45
N GLY B 366 -10.09 -20.72 31.38
CA GLY B 366 -8.72 -20.23 31.43
C GLY B 366 -8.65 -18.72 31.56
N LYS B 367 -9.51 -18.01 30.82
CA LYS B 367 -9.52 -16.56 30.90
C LYS B 367 -10.03 -16.09 32.26
N GLU B 368 -10.89 -16.88 32.91
CA GLU B 368 -11.28 -16.57 34.28
C GLU B 368 -10.10 -16.75 35.22
N SER B 369 -9.23 -17.73 34.96
CA SER B 369 -8.14 -17.98 35.88
C SER B 369 -7.05 -16.91 35.73
N ILE B 370 -6.79 -16.45 34.51
CA ILE B 370 -5.91 -15.29 34.33
C ILE B 370 -6.45 -14.10 35.13
N LEU B 371 -7.74 -13.79 34.96
CA LEU B 371 -8.38 -12.70 35.69
C LEU B 371 -8.15 -12.87 37.20
N PHE B 372 -8.56 -14.03 37.74
CA PHE B 372 -8.44 -14.27 39.17
C PHE B 372 -7.01 -14.07 39.67
N HIS B 373 -6.02 -14.59 38.95
CA HIS B 373 -4.65 -14.52 39.45
C HIS B 373 -4.13 -13.10 39.50
N TYR B 374 -4.67 -12.19 38.68
CA TYR B 374 -4.17 -10.85 38.54
C TYR B 374 -5.06 -9.80 39.21
N THR B 375 -5.99 -10.22 40.08
CA THR B 375 -6.94 -9.28 40.70
C THR B 375 -6.91 -9.34 42.22
N ASP B 376 -5.86 -9.91 42.81
CA ASP B 376 -5.68 -9.88 44.26
C ASP B 376 -5.12 -8.51 44.66
N TRP B 377 -5.94 -7.48 44.45
CA TRP B 377 -5.54 -6.09 44.67
C TRP B 377 -4.96 -5.88 46.07
N VAL B 378 -3.81 -5.21 46.13
CA VAL B 378 -3.29 -4.73 47.39
C VAL B 378 -4.04 -3.50 47.87
N ASP B 379 -4.68 -2.75 46.95
CA ASP B 379 -5.50 -1.58 47.27
C ASP B 379 -6.69 -1.57 46.31
N ASP B 380 -7.78 -2.22 46.70
CA ASP B 380 -8.93 -2.41 45.82
C ASP B 380 -9.77 -1.15 45.65
N GLN B 381 -9.17 0.01 45.89
CA GLN B 381 -9.80 1.30 45.64
C GLN B 381 -9.44 1.85 44.27
N ARG B 382 -8.22 1.57 43.81
CA ARG B 382 -7.59 2.29 42.71
C ARG B 382 -8.35 2.03 41.42
N PRO B 383 -8.85 3.05 40.73
CA PRO B 383 -9.56 2.80 39.46
C PRO B 383 -8.69 2.14 38.40
N GLU B 384 -7.39 2.42 38.39
CA GLU B 384 -6.49 1.93 37.36
C GLU B 384 -5.97 0.51 37.63
N ASN B 385 -6.51 -0.19 38.65
CA ASN B 385 -6.13 -1.57 38.91
C ASN B 385 -6.24 -2.45 37.66
N TYR B 386 -7.37 -2.36 36.95
CA TYR B 386 -7.56 -3.26 35.81
C TYR B 386 -6.66 -2.90 34.64
N ARG B 387 -6.46 -1.60 34.40
CA ARG B 387 -5.54 -1.15 33.36
C ARG B 387 -4.13 -1.67 33.62
N GLU B 388 -3.69 -1.64 34.88
CA GLU B 388 -2.36 -2.15 35.19
C GLU B 388 -2.31 -3.67 35.08
N ALA B 389 -3.38 -4.36 35.49
CA ALA B 389 -3.38 -5.81 35.45
C ALA B 389 -3.26 -6.34 34.02
N LEU B 390 -3.93 -5.67 33.07
CA LEU B 390 -3.93 -6.17 31.71
C LEU B 390 -2.56 -5.99 31.06
N GLY B 391 -1.93 -4.83 31.30
CA GLY B 391 -0.56 -4.64 30.87
C GLY B 391 0.38 -5.64 31.50
N ASP B 392 0.14 -5.99 32.76
CA ASP B 392 1.02 -6.96 33.40
C ASP B 392 0.75 -8.38 32.92
N VAL B 393 -0.48 -8.66 32.49
CA VAL B 393 -0.79 -9.96 31.89
C VAL B 393 0.01 -10.14 30.61
N VAL B 394 -0.12 -9.17 29.71
CA VAL B 394 0.55 -9.22 28.42
C VAL B 394 2.07 -9.23 28.59
N GLY B 395 2.59 -8.37 29.48
CA GLY B 395 4.03 -8.29 29.68
C GLY B 395 4.62 -9.54 30.31
N ASP B 396 3.95 -10.11 31.32
CA ASP B 396 4.48 -11.31 31.98
C ASP B 396 4.43 -12.52 31.06
N TYR B 397 3.35 -12.68 30.31
CA TYR B 397 3.19 -13.87 29.49
C TYR B 397 4.10 -13.81 28.27
N ASN B 398 4.21 -12.65 27.65
CA ASN B 398 4.96 -12.54 26.41
C ASN B 398 6.45 -12.24 26.57
N PHE B 399 6.87 -11.63 27.68
CA PHE B 399 8.26 -11.17 27.80
C PHE B 399 8.95 -11.60 29.10
N ILE B 400 8.48 -11.08 30.24
CA ILE B 400 9.16 -11.29 31.52
C ILE B 400 9.28 -12.77 31.86
N CYS B 401 8.15 -13.47 32.01
CA CYS B 401 8.23 -14.86 32.43
C CYS B 401 9.04 -15.75 31.49
N PRO B 402 8.96 -15.60 30.15
CA PRO B 402 9.85 -16.42 29.30
C PRO B 402 11.32 -16.08 29.45
N ALA B 403 11.66 -14.80 29.65
CA ALA B 403 13.05 -14.42 29.85
C ALA B 403 13.63 -15.03 31.12
N LEU B 404 12.86 -15.05 32.22
CA LEU B 404 13.34 -15.67 33.45
C LEU B 404 13.59 -17.14 33.24
N GLU B 405 12.61 -17.81 32.65
CA GLU B 405 12.69 -19.25 32.42
C GLU B 405 13.88 -19.59 31.52
N PHE B 406 14.06 -18.84 30.43
CA PHE B 406 15.23 -19.07 29.59
C PHE B 406 16.54 -18.93 30.39
N THR B 407 16.65 -17.87 31.20
CA THR B 407 17.88 -17.66 31.98
C THR B 407 18.11 -18.78 32.99
N LYS B 408 17.06 -19.21 33.70
CA LYS B 408 17.19 -20.36 34.61
C LYS B 408 17.78 -21.56 33.90
N LYS B 409 17.14 -22.01 32.81
CA LYS B 409 17.58 -23.23 32.13
C LYS B 409 18.95 -23.07 31.50
N PHE B 410 19.23 -21.90 30.92
CA PHE B 410 20.55 -21.67 30.32
C PHE B 410 21.64 -21.69 31.39
N SER B 411 21.38 -21.09 32.56
CA SER B 411 22.39 -21.06 33.62
C SER B 411 22.71 -22.45 34.16
N GLU B 412 21.72 -23.34 34.15
CA GLU B 412 21.91 -24.61 34.82
C GLU B 412 22.85 -25.53 34.07
N TRP B 413 23.53 -25.03 33.04
CA TRP B 413 24.53 -25.79 32.31
C TRP B 413 25.92 -25.26 32.54
N GLY B 414 26.16 -24.65 33.70
CA GLY B 414 27.48 -24.15 34.02
C GLY B 414 27.88 -22.91 33.27
N ASN B 415 26.92 -22.06 32.91
CA ASN B 415 27.18 -20.82 32.19
C ASN B 415 26.92 -19.64 33.11
N ASN B 416 27.83 -18.65 33.09
CA ASN B 416 27.59 -17.42 33.83
C ASN B 416 26.48 -16.61 33.15
N ALA B 417 25.39 -16.35 33.88
CA ALA B 417 24.28 -15.56 33.38
C ALA B 417 24.04 -14.37 34.29
N PHE B 418 23.65 -13.24 33.70
CA PHE B 418 23.35 -12.03 34.44
C PHE B 418 22.00 -11.52 33.99
N PHE B 419 21.15 -11.15 34.95
CA PHE B 419 19.80 -10.72 34.65
C PHE B 419 19.56 -9.31 35.17
N TYR B 420 18.80 -8.53 34.42
CA TYR B 420 18.53 -7.14 34.79
C TYR B 420 17.05 -6.82 34.67
N TYR B 421 16.63 -5.79 35.40
CA TYR B 421 15.26 -5.33 35.40
C TYR B 421 15.29 -3.82 35.22
N PHE B 422 14.94 -3.34 34.03
CA PHE B 422 15.07 -1.93 33.69
C PHE B 422 13.78 -1.20 34.08
N GLU B 423 13.89 -0.25 35.02
CA GLU B 423 12.71 0.47 35.52
C GLU B 423 12.72 1.96 35.28
N HIS B 424 13.69 2.53 34.55
CA HIS B 424 13.68 3.98 34.32
C HIS B 424 12.80 4.35 33.12
N ARG B 425 11.89 5.31 33.33
CA ARG B 425 11.04 5.81 32.26
C ARG B 425 11.66 7.08 31.71
N SER B 426 11.90 7.10 30.39
CA SER B 426 12.56 8.22 29.73
C SER B 426 11.79 9.53 29.92
N SER B 427 12.52 10.57 30.28
CA SER B 427 11.91 11.89 30.46
C SER B 427 11.38 12.47 29.16
N LYS B 428 11.81 11.96 28.01
CA LYS B 428 11.39 12.43 26.68
C LYS B 428 10.31 11.56 26.05
N LEU B 429 9.87 10.51 26.75
CA LEU B 429 9.00 9.49 26.18
C LEU B 429 7.77 10.12 25.54
N PRO B 430 7.51 9.89 24.23
CA PRO B 430 6.34 10.51 23.59
C PRO B 430 5.00 9.93 24.02
N TRP B 431 4.96 8.73 24.63
CA TRP B 431 3.73 8.06 25.01
C TRP B 431 3.27 8.53 26.39
N PRO B 432 2.00 8.31 26.73
CA PRO B 432 1.49 8.79 28.02
C PRO B 432 2.15 8.11 29.22
N GLU B 433 1.99 8.74 30.38
CA GLU B 433 2.63 8.26 31.59
C GLU B 433 2.10 6.90 32.02
N TRP B 434 0.86 6.56 31.66
CA TRP B 434 0.32 5.30 32.17
C TRP B 434 1.00 4.09 31.56
N MET B 435 1.59 4.22 30.36
CA MET B 435 2.29 3.10 29.76
C MET B 435 3.62 2.83 30.44
N GLY B 436 4.13 3.77 31.22
CA GLY B 436 5.26 3.45 32.08
C GLY B 436 6.54 3.22 31.30
N VAL B 437 7.24 2.16 31.67
CA VAL B 437 8.59 1.88 31.16
C VAL B 437 8.41 0.86 30.03
N MET B 438 8.25 1.37 28.81
CA MET B 438 7.70 0.58 27.72
C MET B 438 8.72 -0.33 27.07
N HIS B 439 8.19 -1.39 26.46
CA HIS B 439 8.90 -2.19 25.47
C HIS B 439 9.64 -1.28 24.50
N GLY B 440 10.94 -1.52 24.35
CA GLY B 440 11.76 -0.78 23.40
C GLY B 440 12.42 0.48 23.94
N TYR B 441 12.06 0.95 25.13
CA TYR B 441 12.53 2.25 25.55
C TYR B 441 13.65 2.17 26.57
N GLU B 442 14.36 1.05 26.60
CA GLU B 442 15.71 1.01 27.17
C GLU B 442 16.78 1.09 26.08
N ILE B 443 16.41 0.92 24.81
CA ILE B 443 17.41 0.84 23.75
C ILE B 443 18.23 2.13 23.69
N GLU B 444 17.56 3.29 23.73
CA GLU B 444 18.30 4.56 23.63
C GLU B 444 19.25 4.80 24.81
N PHE B 445 19.03 4.15 25.96
CA PHE B 445 20.00 4.17 27.03
C PHE B 445 21.16 3.21 26.78
N VAL B 446 20.90 2.06 26.13
CA VAL B 446 21.97 1.11 25.84
C VAL B 446 22.93 1.70 24.81
N PHE B 447 22.43 2.50 23.88
CA PHE B 447 23.20 3.05 22.77
C PHE B 447 23.81 4.41 23.08
N GLY B 448 23.59 4.96 24.27
CA GLY B 448 24.29 6.15 24.69
C GLY B 448 23.69 7.45 24.22
N LEU B 449 22.45 7.43 23.76
CA LEU B 449 21.84 8.68 23.31
C LEU B 449 21.76 9.76 24.39
N PRO B 450 21.49 9.47 25.67
CA PRO B 450 21.42 10.55 26.66
C PRO B 450 22.78 11.19 26.98
N LEU B 451 23.90 10.61 26.55
CA LEU B 451 25.20 11.26 26.73
C LEU B 451 25.32 12.56 25.94
N GLU B 452 24.46 12.77 24.96
CA GLU B 452 24.45 13.99 24.15
C GLU B 452 23.67 15.06 24.89
N ARG B 453 24.39 15.99 25.53
CA ARG B 453 23.78 16.90 26.49
C ARG B 453 23.04 18.05 25.83
N ARG B 454 23.30 18.33 24.55
CA ARG B 454 22.40 19.23 23.85
C ARG B 454 21.05 18.60 23.55
N ASP B 455 20.83 17.38 24.03
CA ASP B 455 19.57 16.67 23.86
C ASP B 455 18.84 16.60 25.19
N ASN B 456 17.52 16.79 25.14
CA ASN B 456 16.75 17.19 26.31
C ASN B 456 16.60 16.11 27.36
N TYR B 457 17.60 15.26 27.53
CA TYR B 457 17.57 14.31 28.62
C TYR B 457 17.96 15.00 29.92
N THR B 458 17.73 14.31 31.03
CA THR B 458 18.15 14.84 32.30
C THR B 458 19.58 14.40 32.62
N LYS B 459 20.13 15.03 33.65
CA LYS B 459 21.47 14.68 34.13
C LYS B 459 21.54 13.25 34.62
N ALA B 460 20.55 12.83 35.43
CA ALA B 460 20.52 11.46 35.93
C ALA B 460 20.41 10.46 34.79
N GLU B 461 19.63 10.80 33.76
CA GLU B 461 19.55 9.97 32.57
C GLU B 461 20.90 9.85 31.86
N GLU B 462 21.72 10.92 31.87
CA GLU B 462 23.08 10.77 31.38
C GLU B 462 23.90 9.81 32.25
N ILE B 463 23.74 9.89 33.58
CA ILE B 463 24.53 9.05 34.46
C ILE B 463 24.10 7.60 34.33
N LEU B 464 22.79 7.37 34.21
CA LEU B 464 22.26 6.03 34.03
C LEU B 464 22.72 5.43 32.70
N SER B 465 22.53 6.16 31.60
CA SER B 465 22.96 5.69 30.30
C SER B 465 24.45 5.33 30.30
N ARG B 466 25.27 6.16 30.97
CA ARG B 466 26.72 5.93 30.97
C ARG B 466 27.10 4.63 31.67
N SER B 467 26.39 4.28 32.75
CA SER B 467 26.72 3.02 33.43
C SER B 467 26.24 1.82 32.64
N ILE B 468 25.03 1.89 32.05
CA ILE B 468 24.52 0.81 31.20
C ILE B 468 25.45 0.62 30.00
N VAL B 469 25.81 1.74 29.34
CA VAL B 469 26.79 1.67 28.25
C VAL B 469 28.06 0.97 28.72
N LYS B 470 28.60 1.39 29.88
CA LYS B 470 29.85 0.81 30.37
C LYS B 470 29.68 -0.67 30.70
N ARG B 471 28.62 -1.00 31.43
CA ARG B 471 28.42 -2.40 31.82
C ARG B 471 28.29 -3.31 30.61
N TRP B 472 27.50 -2.89 29.60
CA TRP B 472 27.35 -3.68 28.37
C TRP B 472 28.69 -3.89 27.68
N ALA B 473 29.47 -2.81 27.52
CA ALA B 473 30.77 -2.93 26.87
C ALA B 473 31.71 -3.81 27.67
N ASN B 474 31.64 -3.76 29.00
CA ASN B 474 32.51 -4.61 29.82
C ASN B 474 32.12 -6.07 29.69
N PHE B 475 30.82 -6.37 29.65
CA PHE B 475 30.40 -7.75 29.44
C PHE B 475 30.89 -8.26 28.09
N ALA B 476 30.92 -7.39 27.07
CA ALA B 476 31.45 -7.78 25.77
C ALA B 476 32.93 -8.10 25.87
N LYS B 477 33.71 -7.19 26.46
CA LYS B 477 35.16 -7.36 26.56
C LYS B 477 35.51 -8.51 27.50
N TYR B 478 34.91 -8.57 28.69
CA TYR B 478 35.42 -9.44 29.75
C TYR B 478 34.51 -10.60 30.12
N GLY B 479 33.24 -10.61 29.72
CA GLY B 479 32.33 -11.65 30.15
C GLY B 479 31.64 -11.40 31.47
N ASN B 480 31.79 -10.21 32.06
CA ASN B 480 31.15 -9.86 33.31
C ASN B 480 30.76 -8.39 33.19
N PRO B 481 29.50 -8.05 33.47
CA PRO B 481 29.02 -6.67 33.26
C PRO B 481 29.34 -5.72 34.41
N ASN B 482 30.62 -5.64 34.76
CA ASN B 482 31.05 -4.82 35.88
C ASN B 482 31.18 -3.35 35.47
N GLU B 483 31.25 -2.48 36.46
CA GLU B 483 31.53 -1.07 36.25
C GLU B 483 32.75 -0.70 37.09
N THR B 484 33.11 0.58 37.10
CA THR B 484 34.23 1.04 37.90
C THR B 484 33.97 0.82 39.40
N ASN B 486 34.76 1.72 42.19
CA ASN B 486 34.64 2.22 43.56
C ASN B 486 33.18 2.20 44.01
N ASN B 487 32.41 3.22 43.61
CA ASN B 487 31.03 3.35 44.04
C ASN B 487 30.12 2.80 42.95
N SER B 488 30.01 1.48 42.92
CA SER B 488 29.24 0.79 41.89
C SER B 488 28.79 -0.56 42.42
N THR B 489 27.50 -0.88 42.25
CA THR B 489 26.97 -2.15 42.71
C THR B 489 27.56 -3.29 41.91
N SER B 490 28.03 -4.33 42.59
CA SER B 490 28.53 -5.49 41.87
C SER B 490 27.35 -6.34 41.44
N TRP B 491 27.41 -6.82 40.20
CA TRP B 491 26.30 -7.56 39.59
C TRP B 491 26.51 -9.05 39.82
N PRO B 492 25.70 -9.70 40.63
CA PRO B 492 25.88 -11.14 40.86
C PRO B 492 25.32 -11.97 39.72
N VAL B 493 25.93 -13.15 39.55
CA VAL B 493 25.44 -14.14 38.61
C VAL B 493 24.03 -14.57 38.98
N PHE B 494 23.20 -14.82 37.96
CA PHE B 494 21.88 -15.41 38.13
C PHE B 494 22.03 -16.92 38.20
N LYS B 495 21.49 -17.52 39.25
CA LYS B 495 21.59 -18.95 39.48
C LYS B 495 20.23 -19.48 39.91
N SER B 496 19.91 -20.70 39.44
CA SER B 496 18.59 -21.29 39.57
C SER B 496 18.00 -21.16 40.97
N THR B 497 18.84 -21.33 42.00
CA THR B 497 18.31 -21.40 43.35
C THR B 497 18.07 -20.02 43.97
N GLU B 498 18.98 -19.07 43.79
CA GLU B 498 18.78 -17.77 44.43
C GLU B 498 18.14 -16.75 43.50
N GLN B 499 18.41 -16.87 42.20
CA GLN B 499 17.76 -16.09 41.14
C GLN B 499 17.93 -14.59 41.36
N LYS B 500 19.20 -14.21 41.42
CA LYS B 500 19.55 -12.83 41.71
C LYS B 500 19.60 -12.00 40.44
N TYR B 501 19.02 -10.82 40.51
CA TYR B 501 19.01 -9.94 39.36
C TYR B 501 19.31 -8.52 39.82
N LEU B 502 19.83 -7.75 38.90
CA LEU B 502 20.19 -6.36 39.14
C LEU B 502 19.14 -5.46 38.50
N THR B 503 18.62 -4.52 39.28
CA THR B 503 17.67 -3.48 38.92
C THR B 503 18.41 -2.28 38.37
N LEU B 504 17.82 -1.58 37.38
CA LEU B 504 18.42 -0.41 36.73
C LEU B 504 17.45 0.74 36.78
N ASN B 505 17.85 1.86 37.40
CA ASN B 505 17.06 3.08 37.48
C ASN B 505 17.98 4.19 38.01
N THR B 506 17.47 5.42 38.00
CA THR B 506 18.32 6.55 38.41
C THR B 506 18.52 6.62 39.93
N GLU B 507 17.49 6.28 40.73
CA GLU B 507 17.56 6.35 42.19
C GLU B 507 18.65 5.45 42.76
N SER B 508 18.35 4.16 42.95
CA SER B 508 19.34 3.24 43.49
C SER B 508 19.20 1.90 42.79
N THR B 509 20.31 1.34 42.34
CA THR B 509 20.33 0.04 41.66
C THR B 509 20.60 -1.06 42.68
N ARG B 510 19.53 -1.70 43.16
CA ARG B 510 19.57 -2.77 44.15
C ARG B 510 19.89 -4.11 43.51
N ILE B 511 20.13 -5.11 44.35
CA ILE B 511 20.15 -6.51 43.94
C ILE B 511 18.94 -7.18 44.57
N MET B 512 18.21 -7.94 43.76
CA MET B 512 16.95 -8.56 44.16
C MET B 512 16.94 -10.02 43.76
N THR B 513 15.86 -10.70 44.11
CA THR B 513 15.76 -12.12 43.90
C THR B 513 14.38 -12.49 43.38
N LYS B 514 14.33 -13.57 42.59
CA LYS B 514 13.10 -14.18 42.13
C LYS B 514 12.09 -13.15 41.60
N LEU B 515 12.49 -12.49 40.50
CA LEU B 515 11.66 -11.45 39.89
C LEU B 515 10.26 -11.96 39.54
N ARG B 516 9.25 -11.25 40.05
CA ARG B 516 7.83 -11.51 39.79
C ARG B 516 7.46 -12.99 39.88
N ALA B 517 8.06 -13.71 40.85
CA ALA B 517 7.95 -15.17 40.88
C ALA B 517 6.51 -15.63 41.01
N GLN B 518 5.68 -14.84 41.69
CA GLN B 518 4.30 -15.25 41.95
C GLN B 518 3.45 -15.16 40.68
N GLN B 519 3.62 -14.09 39.91
CA GLN B 519 3.02 -14.00 38.57
C GLN B 519 3.44 -15.18 37.71
N CYS B 520 4.76 -15.32 37.49
CA CYS B 520 5.27 -16.33 36.56
C CYS B 520 4.93 -17.75 36.97
N ARG B 521 4.69 -18.02 38.27
CA ARG B 521 4.26 -19.37 38.66
C ARG B 521 2.96 -19.77 37.95
N PHE B 522 2.06 -18.81 37.71
CA PHE B 522 0.85 -19.09 36.97
C PHE B 522 1.16 -19.50 35.53
N TRP B 523 1.94 -18.67 34.80
CA TRP B 523 2.20 -18.92 33.38
C TRP B 523 2.97 -20.20 33.12
N THR B 524 3.83 -20.60 34.06
CA THR B 524 4.57 -21.85 33.89
C THR B 524 3.79 -23.07 34.37
N SER B 525 3.10 -22.96 35.51
CA SER B 525 2.62 -24.14 36.24
C SER B 525 1.11 -24.34 36.20
N PHE B 526 0.34 -23.35 35.72
CA PHE B 526 -1.11 -23.53 35.65
C PHE B 526 -1.67 -23.27 34.26
N PHE B 527 -1.38 -22.12 33.67
CA PHE B 527 -1.85 -21.80 32.32
C PHE B 527 -1.61 -22.91 31.29
N PRO B 528 -0.45 -23.62 31.26
CA PRO B 528 -0.26 -24.67 30.25
C PRO B 528 -1.27 -25.82 30.34
N LYS B 529 -2.15 -25.77 31.34
CA LYS B 529 -3.11 -26.83 31.61
C LYS B 529 -4.55 -26.40 31.40
N VAL B 530 -4.80 -25.16 31.03
CA VAL B 530 -6.16 -24.74 30.74
C VAL B 530 -6.47 -25.12 29.31
C1 NAG C . 5.03 23.42 -39.75
C2 NAG C . 4.58 23.19 -41.20
C3 NAG C . 5.66 23.62 -42.17
C4 NAG C . 6.07 25.06 -41.90
C5 NAG C . 6.47 25.22 -40.44
C6 NAG C . 6.78 26.65 -40.07
C7 NAG C . 3.07 21.40 -41.96
C8 NAG C . 2.88 19.92 -42.11
N2 NAG C . 4.23 21.79 -41.41
O3 NAG C . 5.19 23.47 -43.50
O4 NAG C . 7.16 25.44 -42.73
O5 NAG C . 5.39 24.80 -39.59
O6 NAG C . 7.32 26.70 -38.75
O7 NAG C . 2.21 22.21 -42.31
C1 NAG C . 8.19 25.51 -43.76
C2 NAG C . 7.23 26.27 -44.70
C3 NAG C . 7.82 27.61 -45.11
C4 NAG C . 8.49 28.28 -43.93
C5 NAG C . 9.71 27.45 -43.51
C6 NAG C . 9.95 27.46 -42.01
C7 NAG C . 5.73 25.59 -46.52
C8 NAG C . 5.53 24.67 -47.68
N2 NAG C . 6.87 25.47 -45.85
O3 NAG C . 6.80 28.45 -45.65
O4 NAG C . 8.89 29.60 -44.25
O5 NAG C . 9.54 26.07 -43.90
O6 NAG C . 9.97 28.79 -41.51
O7 NAG C . 4.88 26.44 -46.22
C1 FUC C . 7.78 27.95 -38.36
C2 FUC C . 7.59 28.31 -36.92
C3 FUC C . 8.17 27.23 -36.07
C4 FUC C . 9.57 26.97 -36.49
C5 FUC C . 9.62 26.67 -37.95
C6 FUC C . 11.03 26.41 -38.39
O2 FUC C . 6.24 28.45 -36.67
O3 FUC C . 8.14 27.61 -34.76
O4 FUC C . 10.35 28.07 -36.18
O5 FUC C . 9.11 27.74 -38.66
C1 NAG D . 13.24 1.95 -17.77
C2 NAG D . 14.62 1.50 -18.22
C3 NAG D . 14.54 0.06 -18.72
C4 NAG D . 14.04 -0.82 -17.58
C5 NAG D . 12.65 -0.33 -17.16
C6 NAG D . 12.07 -1.10 -16.00
C7 NAG D . 16.03 3.36 -18.99
C8 NAG D . 16.43 3.53 -17.56
N2 NAG D . 15.17 2.37 -19.24
O3 NAG D . 15.81 -0.37 -19.19
O4 NAG D . 14.02 -2.20 -17.93
O5 NAG D . 12.72 1.05 -16.75
O6 NAG D . 10.76 -0.62 -15.67
O7 NAG D . 16.47 4.07 -19.88
C1 NAG D . 14.87 -3.20 -17.12
C2 NAG D . 15.73 -4.02 -18.10
C3 NAG D . 15.47 -5.53 -17.96
C4 NAG D . 13.99 -5.88 -17.93
C5 NAG D . 13.18 -4.80 -17.26
C6 NAG D . 12.04 -5.33 -16.42
C7 NAG D . 16.47 -3.27 -20.33
C8 NAG D . 17.87 -3.41 -19.81
N2 NAG D . 15.49 -3.58 -19.48
O3 NAG D . 16.14 -6.04 -16.80
O4 NAG D . 13.50 -6.08 -19.25
O5 NAG D . 14.04 -4.06 -16.38
O6 NAG D . 10.80 -5.20 -17.11
O7 NAG D . 16.23 -2.91 -21.48
C1 NAG E . -34.85 -4.79 -32.40
C2 NAG E . -35.87 -5.78 -31.82
C3 NAG E . -37.18 -5.69 -32.58
C4 NAG E . -37.69 -4.25 -32.60
C5 NAG E . -36.62 -3.31 -33.15
C6 NAG E . -37.00 -1.85 -32.99
C7 NAG E . -35.01 -7.87 -32.83
C8 NAG E . -34.49 -9.25 -32.54
N2 NAG E . -35.37 -7.14 -31.77
O3 NAG E . -38.13 -6.54 -31.94
O4 NAG E . -38.89 -4.14 -33.37
O5 NAG E . -35.41 -3.47 -32.41
O6 NAG E . -37.63 -1.30 -34.14
O7 NAG E . -35.09 -7.44 -33.98
C1 NAG E . -40.08 -3.58 -32.75
C2 NAG E . -40.48 -2.32 -31.96
C3 NAG E . -41.80 -1.75 -32.48
C4 NAG E . -41.88 -1.94 -33.99
C5 NAG E . -42.00 -3.43 -34.30
C6 NAG E . -41.45 -3.81 -35.66
C7 NAG E . -40.65 -1.67 -29.58
C8 NAG E . -40.75 -2.17 -28.17
N2 NAG E . -40.58 -2.61 -30.53
O3 NAG E . -41.89 -0.37 -32.16
O4 NAG E . -43.01 -1.24 -34.49
O5 NAG E . -41.28 -4.20 -33.33
O6 NAG E . -41.27 -2.68 -36.50
O7 NAG E . -40.63 -0.48 -29.85
C1 FUC E . -37.96 0.13 -34.46
C2 FUC E . -38.33 1.18 -33.49
C3 FUC E . -37.21 2.16 -33.39
C4 FUC E . -36.66 2.57 -34.72
C5 FUC E . -36.81 1.53 -35.80
C6 FUC E . -36.78 2.19 -37.14
O2 FUC E . -38.58 0.65 -32.23
O3 FUC E . -37.66 3.26 -32.70
O4 FUC E . -37.23 3.78 -35.12
O5 FUC E . -37.96 0.77 -35.69
C1 NAG F . 5.21 5.25 -1.56
C2 NAG F . 6.60 5.85 -1.43
C3 NAG F . 7.58 5.12 -2.35
C4 NAG F . 7.56 3.63 -2.08
C5 NAG F . 6.13 3.09 -2.16
C6 NAG F . 6.04 1.63 -1.72
C7 NAG F . 6.37 8.22 -0.79
C8 NAG F . 6.40 9.65 -1.28
N2 NAG F . 6.59 7.28 -1.72
O3 NAG F . 8.89 5.66 -2.16
O4 NAG F . 8.38 2.92 -3.01
O5 NAG F . 5.27 3.84 -1.30
O6 NAG F . 5.01 0.93 -2.41
O7 NAG F . 6.17 7.94 0.39
C1 NAG F . 9.81 2.51 -3.10
C2 NAG F . 10.42 1.44 -4.03
C3 NAG F . 11.90 1.73 -4.23
C4 NAG F . 12.11 3.12 -4.80
C5 NAG F . 11.47 4.17 -3.89
C6 NAG F . 11.51 5.56 -4.49
C7 NAG F . 9.03 -0.55 -3.53
C8 NAG F . 9.02 -1.94 -2.99
N2 NAG F . 10.20 0.09 -3.52
O3 NAG F . 12.45 0.73 -5.09
O4 NAG F . 13.48 3.43 -4.97
O5 NAG F . 10.10 3.86 -3.64
O6 NAG F . 11.71 6.56 -3.52
O7 NAG F . 8.01 -0.02 -3.98
C1 NAG G . 0.91 16.74 9.21
C2 NAG G . 1.17 18.23 9.57
C3 NAG G . -0.14 19.01 9.72
C4 NAG G . -1.09 18.73 8.57
C5 NAG G . -1.25 17.22 8.39
C6 NAG G . -2.19 16.84 7.26
C7 NAG G . 3.25 18.03 10.88
C8 NAG G . 3.87 18.18 12.24
N2 NAG G . 1.94 18.32 10.80
O3 NAG G . 0.14 20.40 9.77
O4 NAG G . -2.37 19.28 8.86
O5 NAG G . 0.03 16.66 8.09
O6 NAG G . -3.38 16.24 7.78
O7 NAG G . 3.90 17.66 9.91
C1 NAG G . -3.37 20.19 9.27
C2 NAG G . -4.71 20.40 9.98
C3 NAG G . -5.46 21.59 9.35
C4 NAG G . -4.56 22.81 9.26
C5 NAG G . -3.24 22.46 8.60
C6 NAG G . -2.25 23.61 8.58
C7 NAG G . -5.48 18.24 10.89
C8 NAG G . -4.54 18.47 12.03
N2 NAG G . -5.52 19.20 9.95
O3 NAG G . -6.63 21.88 10.11
O4 NAG G . -5.20 23.84 8.52
O5 NAG G . -2.61 21.38 9.30
O6 NAG G . -1.05 23.25 7.90
O7 NAG G . -6.18 17.23 10.81
C1 FUC G . -3.51 14.97 7.09
C2 FUC G . -3.19 13.76 7.90
C3 FUC G . -4.30 12.78 7.70
C4 FUC G . -4.51 12.54 6.23
C5 FUC G . -4.72 13.84 5.54
C6 FUC G . -4.91 13.61 4.08
O2 FUC G . -3.07 14.08 9.24
O3 FUC G . -4.05 11.62 8.41
O4 FUC G . -3.45 11.91 5.62
O5 FUC G . -3.60 14.63 5.75
C1 NAG H . -5.65 -22.76 8.64
C2 NAG H . -6.40 -22.32 9.90
C3 NAG H . -7.91 -22.41 9.69
C4 NAG H . -8.34 -21.63 8.45
C5 NAG H . -7.55 -22.11 7.24
C6 NAG H . -7.84 -21.29 6.00
C7 NAG H . -4.91 -22.88 11.79
C8 NAG H . -4.69 -23.79 12.95
N2 NAG H . -6.00 -23.11 11.05
O3 NAG H . -8.57 -21.89 10.83
O4 NAG H . -9.73 -21.82 8.20
O5 NAG H . -6.14 -21.99 7.49
O6 NAG H . -8.34 -19.99 6.30
O7 NAG H . -4.11 -21.98 11.51
C1 NAG H . -10.98 -21.29 8.83
C2 NAG H . -12.25 -21.50 8.02
C3 NAG H . -13.37 -20.62 8.57
C4 NAG H . -13.56 -20.83 10.06
C5 NAG H . -12.23 -20.68 10.81
C6 NAG H . -12.33 -21.05 12.27
C7 NAG H . -11.70 -22.18 5.72
C8 NAG H . -11.50 -21.71 4.31
N2 NAG H . -12.02 -21.23 6.61
O3 NAG H . -14.58 -20.92 7.89
O4 NAG H . -14.49 -19.88 10.57
O5 NAG H . -11.23 -21.54 10.23
O6 NAG H . -11.49 -20.22 13.08
O7 NAG H . -11.57 -23.35 6.04
C1 NAG I . 14.87 19.51 22.57
C2 NAG I . 14.64 19.01 21.14
C3 NAG I . 14.83 20.15 20.15
C4 NAG I . 13.87 21.29 20.50
C5 NAG I . 14.08 21.73 21.95
C6 NAG I . 13.08 22.76 22.41
C7 NAG I . 15.12 16.61 20.96
C8 NAG I . 16.12 15.56 20.54
N2 NAG I . 15.50 17.89 20.81
O3 NAG I . 14.58 19.70 18.83
O4 NAG I . 14.04 22.38 19.60
O5 NAG I . 13.96 20.61 22.85
O6 NAG I . 11.77 22.22 22.49
O7 NAG I . 14.02 16.30 21.42
C1 FUC I . 10.52 21.53 22.88
C2 FUC I . 10.19 20.70 21.67
C3 FUC I . 8.71 20.53 21.51
C4 FUC I . 7.95 21.56 22.31
C5 FUC I . 8.37 21.56 23.74
C6 FUC I . 8.09 22.90 24.35
O2 FUC I . 10.78 19.45 21.80
O3 FUC I . 8.37 20.60 20.18
O4 FUC I . 8.08 22.83 21.76
O5 FUC I . 9.70 21.20 23.95
C1 NAG J . 12.34 25.29 -24.76
C2 NAG J . 12.86 26.66 -25.23
C3 NAG J . 14.34 26.86 -24.87
C4 NAG J . 14.65 26.42 -23.44
C5 NAG J . 14.07 25.04 -23.17
C6 NAG J . 14.26 24.57 -21.75
C7 NAG J . 11.72 27.53 -27.24
C8 NAG J . 10.82 28.29 -26.29
N2 NAG J . 12.67 26.79 -26.67
O3 NAG J . 14.66 28.24 -25.02
O4 NAG J . 16.06 26.39 -23.22
O5 NAG J . 12.66 25.09 -23.40
O6 NAG J . 13.63 25.44 -20.83
O7 NAG J . 11.58 27.60 -28.45
C1 NAG K . -38.53 24.53 -11.30
C2 NAG K . -39.95 24.35 -10.77
C3 NAG K . -40.67 23.24 -11.56
C4 NAG K . -40.73 23.64 -13.03
C5 NAG K . -39.32 23.87 -13.56
C6 NAG K . -39.13 25.27 -14.12
C7 NAG K . -39.99 24.99 -8.39
C8 NAG K . -40.09 26.42 -8.87
N2 NAG K . -39.95 24.05 -9.34
O3 NAG K . -41.97 23.04 -11.03
O4 NAG K . -41.36 22.63 -13.82
O5 NAG K . -38.35 23.73 -12.50
O6 NAG K . -39.30 25.30 -15.54
O7 NAG K . -39.98 24.72 -7.20
C10 5HB L . -24.87 14.39 -18.78
C13 5HB L . -22.82 16.27 -18.12
C15 5HB L . -21.71 15.90 -16.02
C17 5HB L . -23.28 17.73 -16.27
C24 5HB L . -24.83 9.44 -22.25
C26 5HB L . -23.97 8.46 -20.25
C28 5HB L . -23.10 7.49 -18.24
C04 5HB L . -26.43 12.12 -24.35
N05 5HB L . -25.69 12.45 -23.13
C06 5HB L . -25.68 13.88 -22.79
C07 5HB L . -25.40 14.05 -21.30
C08 5HB L . -26.68 13.91 -20.47
C09 5HB L . -26.36 14.07 -18.97
N11 5HB L . -24.49 15.57 -19.60
C12 5HB L . -23.06 15.90 -19.42
C14 5HB L . -21.93 15.54 -17.34
C16 5HB L . -22.38 17.01 -15.49
C18 5HB L . -23.50 17.37 -17.59
C19 5HB L . -24.79 15.40 -21.04
S20 5HB L . -24.13 11.87 -23.22
O21 5HB L . -23.05 12.93 -22.92
O22 5HB L . -24.00 11.30 -24.65
C23 5HB L . -24.03 10.56 -22.04
C25 5HB L . -24.81 8.37 -21.36
C27 5HB L . -23.94 7.40 -19.35
C29 5HB L . -22.31 8.61 -18.03
C30 5HB L . -22.34 9.67 -18.92
C31 5HB L . -23.18 9.60 -20.03
C32 5HB L . -23.21 10.65 -20.92
C1 GOL M . -1.62 23.04 -22.97
O1 GOL M . -1.27 22.29 -21.84
C2 GOL M . -2.77 23.99 -22.64
O2 GOL M . -2.40 24.91 -21.63
C3 GOL M . -3.32 24.67 -23.89
O3 GOL M . -2.30 25.35 -24.58
C1 GOL N . -26.12 -2.80 -9.68
O1 GOL N . -26.33 -1.60 -10.41
C2 GOL N . -24.65 -3.24 -9.61
O2 GOL N . -24.54 -4.07 -8.48
C3 GOL N . -24.25 -4.06 -10.83
O3 GOL N . -23.41 -5.15 -10.51
C1 GOL O . 0.97 3.58 -35.79
O1 GOL O . -0.16 4.23 -36.35
C2 GOL O . 0.63 2.92 -34.46
O2 GOL O . 1.67 3.13 -33.54
C3 GOL O . 0.45 1.41 -34.63
O3 GOL O . 1.64 0.79 -35.05
C1 EDO P . -14.37 24.42 -14.25
O1 EDO P . -14.67 24.92 -15.55
C2 EDO P . -15.26 24.92 -13.11
O2 EDO P . -15.71 23.85 -12.23
UNK UNX Q . -17.61 12.57 -18.48
UNK UNX R . -19.06 13.70 -19.34
UNK UNX S . -18.83 12.32 -18.69
C1 NAG T . 39.20 12.69 9.38
C2 NAG T . 40.56 12.31 10.03
C3 NAG T . 41.10 11.01 9.46
C4 NAG T . 40.74 10.84 7.99
C5 NAG T . 40.48 12.18 7.31
C6 NAG T . 40.14 12.05 5.84
C7 NAG T . 42.45 13.67 10.87
C8 NAG T . 42.41 12.81 12.10
N2 NAG T . 41.54 13.39 9.92
O3 NAG T . 40.59 9.92 10.22
O4 NAG T . 41.84 10.21 7.32
O5 NAG T . 39.36 12.83 7.92
O6 NAG T . 41.11 11.29 5.12
O7 NAG T . 43.27 14.56 10.73
C1 NAG U . 32.74 7.20 -4.37
C2 NAG U . 32.07 7.81 -5.61
C3 NAG U . 32.80 9.09 -6.03
C4 NAG U . 32.95 10.04 -4.86
C5 NAG U . 33.64 9.33 -3.70
C6 NAG U . 33.78 10.19 -2.47
C7 NAG U . 31.32 5.72 -6.67
C8 NAG U . 31.38 4.88 -7.92
N2 NAG U . 32.00 6.87 -6.72
O3 NAG U . 32.08 9.73 -7.09
O4 NAG U . 33.74 11.17 -5.22
O5 NAG U . 32.85 8.18 -3.33
O6 NAG U . 33.89 11.56 -2.82
O7 NAG U . 30.68 5.37 -5.69
C1 NAG V . 43.18 -10.49 19.98
C2 NAG V . 43.23 -12.02 19.79
C3 NAG V . 44.67 -12.48 19.63
C4 NAG V . 45.30 -11.76 18.45
C5 NAG V . 45.21 -10.24 18.63
C6 NAG V . 45.63 -9.45 17.40
C7 NAG V . 42.21 -12.42 22.06
C8 NAG V . 41.48 -13.45 22.87
N2 NAG V . 42.52 -12.79 20.81
O3 NAG V . 44.72 -13.89 19.44
O4 NAG V . 46.65 -12.16 18.30
O5 NAG V . 43.84 -9.84 18.88
O6 NAG V . 46.92 -9.83 16.94
O7 NAG V . 42.51 -11.32 22.52
C1 FUL W . -8.83 -18.53 6.22
C2 FUL W . -8.35 -18.40 4.81
O2 FUL W . -9.18 -19.19 4.05
C3 FUL W . -8.35 -17.00 4.23
O3 FUL W . -7.25 -16.84 3.40
C4 FUL W . -8.34 -15.90 5.24
O4 FUL W . -7.02 -15.55 5.50
C5 FUL W . -9.03 -16.30 6.50
C6 FUL W . -8.95 -15.18 7.50
O5 FUL W . -8.45 -17.45 7.01
C1 NAG X . 5.15 -29.28 -10.30
C2 NAG X . 6.12 -30.32 -10.85
C3 NAG X . 6.72 -29.80 -12.16
C4 NAG X . 5.60 -29.52 -13.15
C5 NAG X . 4.62 -28.51 -12.55
C6 NAG X . 3.42 -28.27 -13.43
C7 NAG X . 7.11 -31.72 -9.08
C8 NAG X . 8.29 -31.92 -8.17
N2 NAG X . 7.16 -30.66 -9.90
O3 NAG X . 7.65 -30.74 -12.71
O4 NAG X . 6.12 -29.05 -14.39
O5 NAG X . 4.13 -28.98 -11.28
O6 NAG X . 3.69 -28.62 -14.78
O7 NAG X . 6.14 -32.48 -9.05
C1 NAG Y . -10.26 6.60 25.67
C2 NAG Y . -11.65 6.40 26.27
C3 NAG Y . -12.35 5.22 25.59
C4 NAG Y . -12.41 5.45 24.08
C5 NAG Y . -10.99 5.63 23.55
C6 NAG Y . -10.95 5.93 22.07
C7 NAG Y . -11.59 7.16 28.61
C8 NAG Y . -11.48 6.74 30.05
N2 NAG Y . -11.56 6.17 27.70
O3 NAG Y . -13.67 5.05 26.12
O4 NAG Y . -13.05 4.35 23.43
O5 NAG Y . -10.37 6.74 24.22
O6 NAG Y . -11.13 7.31 21.80
O7 NAG Y . -11.70 8.34 28.29
C1 NAG Z . 36.17 -5.72 35.64
C2 NAG Z . 37.18 -5.46 36.76
C3 NAG Z . 38.61 -5.55 36.21
C4 NAG Z . 38.80 -6.90 35.52
C5 NAG Z . 37.83 -7.02 34.36
C6 NAG Z . 37.07 -8.33 34.34
C7 NAG Z . 36.10 -3.97 38.41
C8 NAG Z . 36.02 -2.57 38.93
N2 NAG Z . 36.96 -4.17 37.39
O3 NAG Z . 39.54 -5.41 37.27
O4 NAG Z . 40.13 -7.01 35.03
O5 NAG Z . 36.85 -5.96 34.39
O6 NAG Z . 36.78 -8.80 35.65
O7 NAG Z . 35.43 -4.88 38.87
C10 5HB AA . 4.25 -2.63 18.76
C13 5HB AA . 6.06 -0.30 19.02
C15 5HB AA . 7.23 0.02 21.11
C17 5HB AA . 5.40 1.48 20.49
C24 5HB AA . 4.40 -7.78 16.02
C26 5HB AA . 5.41 -8.64 18.00
C28 5HB AA . 6.41 -9.52 19.98
C04 5HB AA . 2.80 -5.46 13.40
N05 5HB AA . 3.36 -5.04 14.71
C06 5HB AA . 3.09 -3.62 14.96
C07 5HB AA . 3.49 -3.29 16.40
C08 5HB AA . 2.29 -3.28 17.33
C09 5HB AA . 2.78 -3.05 18.75
N11 5HB AA . 4.50 -1.54 17.79
C12 5HB AA . 5.87 -1.02 17.84
C14 5HB AA . 7.05 -0.69 19.92
C16 5HB AA . 6.40 1.10 21.38
C18 5HB AA . 5.23 0.78 19.29
C19 5HB AA . 4.16 -1.95 16.42
S20 5HB AA . 5.06 -5.44 14.80
O21 5HB AA . 5.99 -4.25 15.06
O22 5HB AA . 5.40 -6.11 13.47
C23 5HB AA . 5.23 -6.65 16.09
C25 5HB AA . 4.48 -8.77 16.98
C27 5HB AA . 5.49 -9.65 18.97
C29 5HB AA . 7.26 -8.40 20.04
C30 5HB AA . 7.18 -7.41 19.10
C31 5HB AA . 6.24 -7.52 18.07
C32 5HB AA . 6.15 -6.50 17.11
C1 GOL BA . 24.72 9.26 10.47
O1 GOL BA . 24.43 10.64 10.36
C2 GOL BA . 25.55 9.00 11.72
O2 GOL BA . 24.99 9.67 12.84
C3 GOL BA . 25.60 7.50 12.00
O3 GOL BA . 26.52 7.23 13.05
C1 GOL CA . 1.26 -13.76 20.75
O1 GOL CA . 1.43 -14.29 22.05
C2 GOL CA . 1.10 -14.80 19.64
O2 GOL CA . -0.28 -14.93 19.36
C3 GOL CA . 1.83 -14.29 18.40
O3 GOL CA . 1.87 -15.22 17.33
C1 EDO DA . 8.59 -9.09 -8.74
O1 EDO DA . 8.40 -7.73 -8.29
C2 EDO DA . 9.52 -9.17 -9.95
O2 EDO DA . 10.88 -8.84 -9.63
C1 EDO EA . 3.46 -17.51 15.81
O1 EDO EA . 4.57 -16.46 15.89
C2 EDO EA . 3.54 -18.08 17.30
O2 EDO EA . 2.51 -19.16 17.27
C1 EDO FA . 12.91 20.86 27.22
O1 EDO FA . 13.53 22.17 27.46
C2 EDO FA . 12.62 20.35 28.64
O2 EDO FA . 12.00 21.56 29.28
UNK UNX GA . 10.61 -3.41 18.99
UNK UNX HA . 9.29 -1.84 17.77
UNK UNX IA . 11.09 -2.69 17.96
C1 PEG JA . 14.13 8.84 20.21
O1 PEG JA . 14.58 9.99 19.55
C2 PEG JA . 12.95 9.30 21.05
O2 PEG JA . 12.67 8.44 22.14
C3 PEG JA . 11.76 9.10 22.97
C4 PEG JA . 11.96 8.56 24.38
O4 PEG JA . 13.09 9.16 24.93
#